data_7FIR
#
_entry.id   7FIR
#
_cell.length_a   205.303
_cell.length_b   205.303
_cell.length_c   78.649
_cell.angle_alpha   90.000
_cell.angle_beta   90.000
_cell.angle_gamma   90.000
#
_symmetry.space_group_name_H-M   'I 4'
#
loop_
_entity.id
_entity.type
_entity.pdbx_description
1 polymer 'Beta-1,2-mannobiose phosphorylase'
2 branched alpha-L-gulopyranose-(1-4)-alpha-L-allopyranose
3 non-polymer 'TRIETHYLENE GLYCOL'
4 non-polymer 'ZINC ION'
5 non-polymer 'PENTAETHYLENE GLYCOL'
6 water water
#
_entity_poly.entity_id   1
_entity_poly.type   'polypeptide(L)'
_entity_poly.pdbx_seq_one_letter_code
;GAGAGAGAGAGMFRLTRLSNKPILSPIKEHEWEKEAVFNAAVIYEGNKFHLFYRASNNKFVLNTEKPEEKYKFVSSIGYA
VSEDGINFERFDKPVLVGEIPQEAWGVEDPRITKIDNKYYMLYTGFGGRDWLDFRICMVWSDDLKNWKGHRIVLDEPNKD
AALLSEKINGKYVLFHRRMPDIWIAYSDDLVNWYNHKIIMSPKSHTWESKKIGIAGPPIKREDGWLLIYHGVDNNNVYRL
GVALLDLKDPSKVIARQKEPILEPELDWEINGLVPNVVFSCGAVEVNDMYYVYYGAADTHIGVAVIEKEKVKF
;
_entity_poly.pdbx_strand_id   A,B,C,D
#
loop_
_chem_comp.id
_chem_comp.type
_chem_comp.name
_chem_comp.formula
1PE non-polymer 'PENTAETHYLENE GLYCOL' 'C10 H22 O6'
GUP L-saccharide, alpha linking alpha-L-gulopyranose 'C6 H12 O6'
PGE non-polymer 'TRIETHYLENE GLYCOL' 'C6 H14 O4'
Z2D L-saccharide, alpha linking alpha-L-allopyranose 'C6 H12 O6'
ZN non-polymer 'ZINC ION' 'Zn 2'
#
# COMPACT_ATOMS: atom_id res chain seq x y z
N MET A 12 25.63 -5.59 10.72
CA MET A 12 25.10 -4.39 10.07
C MET A 12 26.10 -3.23 10.18
N PHE A 13 26.15 -2.39 9.15
CA PHE A 13 27.18 -1.36 9.06
C PHE A 13 26.59 -0.01 8.69
N ARG A 14 27.38 1.03 8.95
CA ARG A 14 26.95 2.41 8.92
C ARG A 14 28.02 3.25 8.23
N LEU A 15 27.56 4.27 7.51
CA LEU A 15 28.44 5.30 7.02
C LEU A 15 28.88 6.19 8.17
N THR A 16 30.12 6.66 8.10
CA THR A 16 30.69 7.62 9.06
C THR A 16 30.96 8.94 8.36
N ARG A 17 30.43 10.03 8.91
CA ARG A 17 30.62 11.34 8.29
C ARG A 17 32.07 11.80 8.47
N LEU A 18 32.64 12.36 7.41
CA LEU A 18 33.99 12.91 7.50
C LEU A 18 34.03 14.28 8.19
N SER A 19 32.88 14.94 8.31
CA SER A 19 32.82 16.27 8.89
C SER A 19 31.47 16.44 9.55
N ASN A 20 31.43 17.21 10.64
CA ASN A 20 30.14 17.60 11.19
C ASN A 20 29.63 18.90 10.61
N LYS A 21 30.28 19.41 9.56
CA LYS A 21 29.86 20.56 8.79
C LYS A 21 29.79 20.19 7.31
N PRO A 22 28.94 20.88 6.54
CA PRO A 22 28.90 20.61 5.10
C PRO A 22 30.27 20.81 4.48
N ILE A 23 30.54 20.06 3.41
CA ILE A 23 31.73 20.31 2.61
C ILE A 23 31.44 21.24 1.44
N LEU A 24 30.19 21.33 1.00
CA LEU A 24 29.75 22.35 0.06
C LEU A 24 28.45 22.95 0.54
N SER A 25 28.34 24.26 0.42
CA SER A 25 27.18 25.00 0.86
C SER A 25 26.84 26.02 -0.22
N PRO A 26 25.63 26.58 -0.17
CA PRO A 26 25.25 27.55 -1.21
C PRO A 26 26.19 28.74 -1.22
N ILE A 27 26.30 29.36 -2.39
CA ILE A 27 27.12 30.55 -2.60
C ILE A 27 26.17 31.70 -2.95
N LYS A 28 26.03 32.65 -2.03
CA LYS A 28 24.96 33.64 -2.17
C LYS A 28 25.13 34.51 -3.41
N GLU A 29 26.37 34.71 -3.87
CA GLU A 29 26.61 35.62 -4.98
C GLU A 29 26.52 34.93 -6.34
N HIS A 30 26.22 33.64 -6.38
CA HIS A 30 25.94 32.92 -7.63
C HIS A 30 24.45 32.59 -7.62
N GLU A 31 23.69 33.20 -8.53
CA GLU A 31 22.25 33.02 -8.50
C GLU A 31 21.87 31.56 -8.71
N TRP A 32 22.57 30.86 -9.61
CA TRP A 32 22.20 29.49 -9.90
C TRP A 32 22.40 28.55 -8.71
N GLU A 33 23.14 28.97 -7.68
CA GLU A 33 23.36 28.10 -6.52
C GLU A 33 23.23 28.88 -5.21
N LYS A 34 22.43 29.95 -5.20
CA LYS A 34 22.42 30.79 -4.01
C LYS A 34 21.63 30.20 -2.85
N GLU A 35 20.79 29.17 -3.07
CA GLU A 35 19.99 28.64 -1.99
C GLU A 35 20.26 27.18 -1.65
N ALA A 36 20.74 26.37 -2.58
CA ALA A 36 20.88 24.95 -2.30
C ALA A 36 21.95 24.37 -3.20
N VAL A 37 22.78 23.48 -2.62
CA VAL A 37 23.64 22.58 -3.36
C VAL A 37 23.51 21.21 -2.71
N PHE A 38 23.20 20.19 -3.49
CA PHE A 38 22.87 18.90 -2.90
C PHE A 38 22.95 17.84 -3.98
N ASN A 39 22.52 16.62 -3.62
CA ASN A 39 22.31 15.49 -4.54
C ASN A 39 23.28 15.48 -5.72
N ALA A 40 24.52 15.11 -5.43
CA ALA A 40 25.63 15.21 -6.35
C ALA A 40 26.01 13.85 -6.90
N ALA A 41 26.23 13.77 -8.21
CA ALA A 41 26.95 12.66 -8.80
C ALA A 41 28.45 12.83 -8.54
N VAL A 42 29.17 11.72 -8.54
CA VAL A 42 30.61 11.79 -8.33
C VAL A 42 31.29 10.71 -9.15
N ILE A 43 32.44 11.06 -9.67
CA ILE A 43 33.28 10.14 -10.40
C ILE A 43 34.73 10.38 -9.94
N TYR A 44 35.46 9.30 -9.70
CA TYR A 44 36.88 9.37 -9.33
C TYR A 44 37.72 8.99 -10.55
N GLU A 45 38.41 9.97 -11.13
CA GLU A 45 39.23 9.78 -12.33
C GLU A 45 40.44 10.72 -12.27
N GLY A 46 41.55 10.28 -12.87
CA GLY A 46 42.75 11.10 -12.83
C GLY A 46 43.23 11.37 -11.42
N ASN A 47 42.94 10.46 -10.50
CA ASN A 47 43.20 10.62 -9.07
C ASN A 47 42.51 11.87 -8.48
N LYS A 48 41.31 12.18 -8.97
CA LYS A 48 40.56 13.32 -8.45
C LYS A 48 39.08 12.97 -8.30
N PHE A 49 38.46 13.53 -7.29
CA PHE A 49 37.01 13.46 -7.14
C PHE A 49 36.36 14.55 -7.99
N HIS A 50 35.55 14.13 -8.95
CA HIS A 50 34.82 15.06 -9.81
C HIS A 50 33.37 15.02 -9.36
N LEU A 51 32.90 16.12 -8.81
CA LEU A 51 31.59 16.21 -8.20
C LEU A 51 30.67 17.04 -9.10
N PHE A 52 29.49 16.52 -9.40
CA PHE A 52 28.51 17.20 -10.24
C PHE A 52 27.25 17.34 -9.40
N TYR A 53 27.05 18.51 -8.84
CA TYR A 53 26.05 18.71 -7.79
C TYR A 53 24.85 19.47 -8.32
N ARG A 54 23.70 19.15 -7.76
CA ARG A 54 22.49 19.91 -8.04
C ARG A 54 22.54 21.22 -7.28
N ALA A 55 22.07 22.28 -7.90
CA ALA A 55 22.07 23.58 -7.25
C ALA A 55 20.77 24.29 -7.58
N SER A 56 20.20 24.98 -6.61
CA SER A 56 18.95 25.72 -6.81
C SER A 56 19.13 27.20 -6.55
N ASN A 57 18.46 28.02 -7.35
CA ASN A 57 18.40 29.46 -7.13
C ASN A 57 17.37 29.87 -6.09
N ASN A 58 16.60 28.94 -5.54
CA ASN A 58 15.47 29.33 -4.70
C ASN A 58 15.17 28.21 -3.71
N LYS A 59 14.45 28.56 -2.66
CA LYS A 59 13.90 27.53 -1.78
C LYS A 59 12.84 26.72 -2.56
N PHE A 60 12.31 25.69 -1.92
CA PHE A 60 11.46 24.71 -2.60
C PHE A 60 10.07 24.75 -1.96
N VAL A 61 9.12 25.37 -2.65
CA VAL A 61 7.70 25.30 -2.26
C VAL A 61 7.09 24.14 -3.04
N LEU A 62 6.74 23.06 -2.33
CA LEU A 62 6.29 21.84 -2.98
C LEU A 62 4.84 21.52 -2.72
N ASN A 63 4.18 22.24 -1.80
CA ASN A 63 2.84 21.88 -1.37
C ASN A 63 1.75 22.69 -2.05
N THR A 64 2.02 23.26 -3.21
CA THR A 64 0.98 23.93 -3.99
C THR A 64 0.34 22.93 -4.94
N GLU A 65 -0.87 23.25 -5.38
CA GLU A 65 -1.60 22.34 -6.28
C GLU A 65 -0.83 22.10 -7.57
N LYS A 66 -0.20 23.13 -8.09
CA LYS A 66 0.66 23.05 -9.27
C LYS A 66 1.91 23.86 -8.98
N PRO A 67 3.00 23.60 -9.72
CA PRO A 67 4.20 24.45 -9.57
C PRO A 67 3.86 25.88 -9.98
N GLU A 68 4.06 26.81 -9.06
CA GLU A 68 3.64 28.20 -9.26
C GLU A 68 4.82 29.04 -9.73
N GLU A 69 4.59 29.87 -10.75
CA GLU A 69 5.61 30.81 -11.19
C GLU A 69 6.15 31.64 -10.03
N LYS A 70 5.26 32.09 -9.13
CA LYS A 70 5.70 32.95 -8.03
C LYS A 70 6.62 32.23 -7.05
N TYR A 71 6.66 30.89 -7.07
CA TYR A 71 7.59 30.10 -6.26
C TYR A 71 8.55 29.27 -7.11
N LYS A 72 8.83 29.70 -8.33
CA LYS A 72 9.65 28.89 -9.22
C LYS A 72 11.05 28.71 -8.64
N PHE A 73 11.53 27.47 -8.67
CA PHE A 73 12.95 27.18 -8.44
C PHE A 73 13.52 26.55 -9.70
N VAL A 74 14.82 26.75 -9.91
CA VAL A 74 15.53 26.28 -11.08
C VAL A 74 16.75 25.51 -10.61
N SER A 75 16.85 24.24 -11.00
CA SER A 75 17.99 23.43 -10.63
C SER A 75 19.01 23.48 -11.76
N SER A 76 20.28 23.58 -11.39
CA SER A 76 21.40 23.52 -12.31
C SER A 76 22.36 22.46 -11.79
N ILE A 77 23.26 21.98 -12.65
CA ILE A 77 24.33 21.09 -12.22
C ILE A 77 25.64 21.86 -12.22
N GLY A 78 26.25 21.99 -11.04
CA GLY A 78 27.56 22.59 -10.91
C GLY A 78 28.65 21.53 -10.82
N TYR A 79 29.89 21.97 -11.06
CA TYR A 79 31.06 21.10 -11.04
C TYR A 79 31.99 21.52 -9.91
N ALA A 80 32.58 20.53 -9.25
CA ALA A 80 33.61 20.80 -8.26
C ALA A 80 34.64 19.68 -8.33
N VAL A 81 35.88 19.99 -7.97
CA VAL A 81 36.94 19.00 -8.05
C VAL A 81 37.76 19.02 -6.76
N SER A 82 38.27 17.86 -6.37
CA SER A 82 38.97 17.71 -5.12
C SER A 82 40.04 16.64 -5.26
N GLU A 83 41.19 16.87 -4.61
CA GLU A 83 42.21 15.83 -4.49
C GLU A 83 41.86 14.83 -3.40
N ASP A 84 41.40 15.32 -2.24
CA ASP A 84 41.27 14.52 -1.03
C ASP A 84 39.84 14.07 -0.77
N GLY A 85 38.87 14.49 -1.59
CA GLY A 85 37.49 14.13 -1.36
C GLY A 85 36.75 15.02 -0.39
N ILE A 86 37.44 15.97 0.25
CA ILE A 86 36.82 16.84 1.25
C ILE A 86 36.91 18.31 0.86
N ASN A 87 38.05 18.74 0.36
CA ASN A 87 38.26 20.14 0.00
C ASN A 87 38.14 20.28 -1.51
N PHE A 88 37.21 21.10 -1.94
CA PHE A 88 36.82 21.18 -3.35
C PHE A 88 37.09 22.56 -3.88
N GLU A 89 37.56 22.62 -5.11
CA GLU A 89 37.54 23.85 -5.89
C GLU A 89 36.24 23.93 -6.68
N ARG A 90 35.60 25.10 -6.67
CA ARG A 90 34.34 25.32 -7.36
C ARG A 90 34.49 26.40 -8.42
N PHE A 91 33.43 26.64 -9.18
CA PHE A 91 33.51 27.44 -10.39
C PHE A 91 32.31 28.37 -10.49
N ASP A 92 32.42 29.30 -11.43
CA ASP A 92 31.51 30.44 -11.53
C ASP A 92 30.19 30.08 -12.19
N LYS A 93 30.21 29.16 -13.14
CA LYS A 93 29.03 28.82 -13.90
C LYS A 93 28.70 27.34 -13.79
N PRO A 94 27.41 26.98 -13.82
CA PRO A 94 27.04 25.56 -13.84
C PRO A 94 27.52 24.90 -15.13
N VAL A 95 27.68 23.58 -15.09
CA VAL A 95 28.06 22.83 -16.28
C VAL A 95 26.86 22.22 -17.01
N LEU A 96 25.70 22.15 -16.36
CA LEU A 96 24.51 21.71 -17.06
C LEU A 96 23.33 22.55 -16.61
N VAL A 97 22.55 23.03 -17.58
CA VAL A 97 21.31 23.74 -17.31
C VAL A 97 20.21 23.11 -18.16
N GLY A 98 18.96 23.39 -17.79
CA GLY A 98 17.84 22.81 -18.49
C GLY A 98 17.53 23.51 -19.80
N GLU A 99 17.05 22.71 -20.76
CA GLU A 99 16.50 23.22 -22.00
C GLU A 99 15.10 23.77 -21.77
N ILE A 100 14.73 24.77 -22.55
CA ILE A 100 13.41 25.40 -22.47
C ILE A 100 12.52 24.79 -23.55
N PRO A 101 11.27 24.41 -23.24
CA PRO A 101 10.54 24.49 -21.97
C PRO A 101 10.45 23.19 -21.17
N GLN A 102 10.89 22.07 -21.74
CA GLN A 102 10.68 20.79 -21.06
C GLN A 102 11.48 20.66 -19.76
N GLU A 103 12.57 21.40 -19.61
CA GLU A 103 13.35 21.40 -18.38
C GLU A 103 13.39 22.81 -17.80
N ALA A 104 12.28 23.55 -17.91
CA ALA A 104 12.30 24.96 -17.52
C ALA A 104 12.60 25.15 -16.03
N TRP A 105 12.24 24.19 -15.19
CA TRP A 105 12.63 24.28 -13.79
C TRP A 105 13.93 23.54 -13.50
N GLY A 106 14.64 23.09 -14.54
CA GLY A 106 16.02 22.71 -14.41
C GLY A 106 16.25 21.21 -14.46
N VAL A 107 17.41 20.82 -13.96
CA VAL A 107 17.98 19.49 -14.13
C VAL A 107 18.46 19.00 -12.77
N GLU A 108 18.03 17.80 -12.36
CA GLU A 108 18.09 17.43 -10.96
C GLU A 108 18.76 16.08 -10.75
N ASP A 109 19.39 15.95 -9.58
CA ASP A 109 19.82 14.66 -9.04
C ASP A 109 20.62 13.81 -10.05
N PRO A 110 21.76 14.29 -10.54
CA PRO A 110 22.48 13.53 -11.56
C PRO A 110 23.12 12.28 -10.99
N ARG A 111 23.13 11.23 -11.79
CA ARG A 111 23.91 10.03 -11.57
C ARG A 111 24.80 9.84 -12.79
N ILE A 112 26.10 9.71 -12.58
CA ILE A 112 27.06 9.61 -13.68
C ILE A 112 27.65 8.21 -13.68
N THR A 113 27.60 7.56 -14.83
CA THR A 113 28.16 6.24 -15.00
C THR A 113 29.13 6.28 -16.16
N LYS A 114 30.33 5.74 -15.93
CA LYS A 114 31.28 5.46 -17.00
C LYS A 114 31.03 4.07 -17.57
N ILE A 115 30.83 3.99 -18.88
CA ILE A 115 30.75 2.73 -19.62
C ILE A 115 31.67 2.85 -20.82
N ASP A 116 32.68 1.98 -20.90
CA ASP A 116 33.64 1.94 -22.02
C ASP A 116 34.08 3.34 -22.46
N ASN A 117 34.77 4.04 -21.56
CA ASN A 117 35.39 5.33 -21.89
C ASN A 117 34.37 6.40 -22.36
N LYS A 118 33.09 6.24 -22.03
CA LYS A 118 32.12 7.31 -22.19
C LYS A 118 31.40 7.53 -20.86
N TYR A 119 31.05 8.78 -20.59
CA TYR A 119 30.43 9.17 -19.33
C TYR A 119 28.96 9.51 -19.58
N TYR A 120 28.06 8.88 -18.84
CA TYR A 120 26.64 9.09 -19.01
C TYR A 120 26.06 9.72 -17.77
N MET A 121 25.44 10.88 -17.92
CA MET A 121 24.78 11.58 -16.83
C MET A 121 23.28 11.44 -17.01
N LEU A 122 22.65 10.72 -16.08
CA LEU A 122 21.21 10.57 -16.02
C LEU A 122 20.68 11.53 -14.98
N TYR A 123 19.67 12.31 -15.34
CA TYR A 123 19.17 13.29 -14.40
C TYR A 123 17.66 13.43 -14.58
N THR A 124 17.01 14.04 -13.61
CA THR A 124 15.60 14.37 -13.73
C THR A 124 15.48 15.74 -14.39
N GLY A 125 14.87 15.79 -15.57
CA GLY A 125 14.46 17.06 -16.16
C GLY A 125 13.09 17.43 -15.63
N PHE A 126 12.95 18.67 -15.17
CA PHE A 126 11.70 19.14 -14.58
C PHE A 126 11.25 20.38 -15.32
N GLY A 127 10.06 20.30 -15.92
CA GLY A 127 9.52 21.43 -16.67
C GLY A 127 8.62 22.36 -15.90
N GLY A 128 8.19 21.98 -14.70
CA GLY A 128 7.39 22.85 -13.87
C GLY A 128 5.98 23.10 -14.35
N ARG A 129 5.49 22.39 -15.36
CA ARG A 129 4.14 22.67 -15.87
C ARG A 129 3.07 22.01 -15.03
N ASP A 130 3.42 21.00 -14.27
CA ASP A 130 2.57 20.35 -13.29
C ASP A 130 3.51 19.46 -12.49
N TRP A 131 2.99 18.88 -11.41
CA TRP A 131 3.90 18.15 -10.53
C TRP A 131 4.32 16.79 -11.07
N LEU A 132 3.82 16.38 -12.24
CA LEU A 132 4.29 15.16 -12.91
C LEU A 132 5.15 15.50 -14.12
N ASP A 133 5.49 16.77 -14.28
CA ASP A 133 6.21 17.24 -15.46
C ASP A 133 7.71 17.00 -15.30
N PHE A 134 8.09 15.79 -14.89
CA PHE A 134 9.49 15.44 -14.74
C PHE A 134 9.74 14.11 -15.45
N ARG A 135 10.98 13.92 -15.88
CA ARG A 135 11.29 12.67 -16.58
C ARG A 135 12.79 12.39 -16.44
N ILE A 136 13.15 11.14 -16.72
CA ILE A 136 14.55 10.77 -16.76
C ILE A 136 15.13 11.21 -18.09
N CYS A 137 16.22 11.99 -18.02
CA CYS A 137 16.95 12.45 -19.19
C CYS A 137 18.41 12.01 -19.09
N MET A 138 19.08 12.04 -20.23
CA MET A 138 20.45 11.56 -20.30
C MET A 138 21.23 12.42 -21.28
N VAL A 139 22.44 12.81 -20.87
CA VAL A 139 23.44 13.34 -21.77
C VAL A 139 24.71 12.51 -21.61
N TRP A 140 25.61 12.62 -22.58
CA TRP A 140 26.86 11.90 -22.45
C TRP A 140 28.02 12.76 -22.94
N SER A 141 29.21 12.36 -22.51
CA SER A 141 30.45 12.99 -22.94
C SER A 141 31.52 11.91 -23.01
N ASP A 142 32.65 12.25 -23.64
CA ASP A 142 33.84 11.41 -23.53
C ASP A 142 34.87 12.03 -22.62
N ASP A 143 34.60 13.22 -22.09
CA ASP A 143 35.61 13.93 -21.31
C ASP A 143 35.08 14.58 -20.03
N LEU A 144 33.85 14.27 -19.60
CA LEU A 144 33.22 14.91 -18.45
C LEU A 144 33.06 16.41 -18.65
N LYS A 145 33.19 16.89 -19.88
CA LYS A 145 33.23 18.32 -20.14
C LYS A 145 32.22 18.75 -21.19
N ASN A 146 32.21 18.08 -22.34
CA ASN A 146 31.33 18.47 -23.44
C ASN A 146 30.19 17.47 -23.53
N TRP A 147 29.07 17.83 -22.90
CA TRP A 147 27.91 16.96 -22.79
C TRP A 147 27.02 17.11 -24.01
N LYS A 148 26.50 15.99 -24.50
CA LYS A 148 25.74 16.02 -25.74
C LYS A 148 24.72 14.90 -25.73
N GLY A 149 24.03 14.77 -26.85
CA GLY A 149 23.15 13.63 -27.09
C GLY A 149 21.96 13.56 -26.17
N HIS A 150 21.44 14.71 -25.71
CA HIS A 150 20.29 14.76 -24.82
C HIS A 150 19.16 13.90 -25.35
N ARG A 151 18.51 13.18 -24.44
CA ARG A 151 17.37 12.34 -24.79
C ARG A 151 16.53 12.16 -23.55
N ILE A 152 15.24 11.95 -23.76
CA ILE A 152 14.36 11.47 -22.70
C ILE A 152 14.48 9.96 -22.63
N VAL A 153 14.91 9.44 -21.49
CA VAL A 153 15.21 8.01 -21.37
C VAL A 153 13.93 7.20 -21.37
N LEU A 154 13.00 7.54 -20.48
CA LEU A 154 11.64 6.99 -20.51
C LEU A 154 10.66 8.17 -20.58
N ASP A 155 9.74 8.13 -21.52
CA ASP A 155 8.82 9.25 -21.71
C ASP A 155 7.60 9.01 -20.85
N GLU A 156 7.79 9.28 -19.56
CA GLU A 156 6.84 8.99 -18.49
C GLU A 156 7.35 9.70 -17.24
N PRO A 157 6.47 9.99 -16.28
CA PRO A 157 6.96 10.56 -15.02
C PRO A 157 7.71 9.49 -14.25
N ASN A 158 9.01 9.72 -14.06
CA ASN A 158 9.95 8.76 -13.53
C ASN A 158 11.21 9.54 -13.16
N LYS A 159 12.03 8.93 -12.30
CA LYS A 159 13.26 9.56 -11.80
C LYS A 159 14.08 8.50 -11.08
N ASP A 160 15.03 8.92 -10.24
CA ASP A 160 15.89 8.01 -9.49
C ASP A 160 16.50 6.96 -10.43
N ALA A 161 17.21 7.46 -11.42
CA ALA A 161 17.68 6.65 -12.53
C ALA A 161 19.20 6.63 -12.55
N ALA A 162 19.75 5.48 -12.93
CA ALA A 162 21.18 5.35 -13.04
C ALA A 162 21.48 4.25 -14.03
N LEU A 163 22.60 4.38 -14.72
CA LEU A 163 23.09 3.35 -15.63
C LEU A 163 24.07 2.45 -14.89
N LEU A 164 24.02 1.15 -15.19
CA LEU A 164 25.07 0.25 -14.70
C LEU A 164 26.35 0.46 -15.49
N SER A 165 27.50 0.30 -14.83
CA SER A 165 28.79 0.63 -15.44
C SER A 165 29.28 -0.42 -16.41
N GLU A 166 28.55 -1.51 -16.64
CA GLU A 166 28.87 -2.37 -17.76
C GLU A 166 27.58 -2.96 -18.30
N LYS A 167 27.71 -3.58 -19.47
CA LYS A 167 26.58 -4.25 -20.08
C LYS A 167 26.43 -5.63 -19.49
N ILE A 168 25.18 -6.11 -19.53
CA ILE A 168 24.84 -7.47 -19.13
C ILE A 168 24.37 -8.16 -20.40
N ASN A 169 25.08 -9.23 -20.79
CA ASN A 169 24.78 -9.96 -22.03
C ASN A 169 24.61 -9.02 -23.22
N GLY A 170 25.49 -8.01 -23.31
CA GLY A 170 25.44 -7.04 -24.39
C GLY A 170 24.48 -5.87 -24.20
N LYS A 171 23.73 -5.82 -23.10
CA LYS A 171 22.65 -4.86 -22.94
C LYS A 171 23.02 -3.80 -21.91
N TYR A 172 22.75 -2.54 -22.25
CA TYR A 172 22.77 -1.50 -21.23
C TYR A 172 21.67 -1.77 -20.20
N VAL A 173 21.96 -1.41 -18.96
CA VAL A 173 21.12 -1.71 -17.81
C VAL A 173 20.76 -0.40 -17.13
N LEU A 174 19.45 -0.14 -17.04
CA LEU A 174 18.91 1.08 -16.45
C LEU A 174 18.18 0.73 -15.16
N PHE A 175 18.49 1.44 -14.09
CA PHE A 175 17.66 1.42 -12.89
C PHE A 175 16.76 2.62 -12.94
N HIS A 176 15.50 2.44 -12.58
CA HIS A 176 14.57 3.57 -12.59
C HIS A 176 13.54 3.34 -11.49
N ARG A 177 12.50 4.16 -11.48
CA ARG A 177 11.67 4.18 -10.28
C ARG A 177 10.25 4.59 -10.66
N ARG A 178 9.53 3.69 -11.34
CA ARG A 178 8.09 3.80 -11.35
C ARG A 178 7.61 3.62 -9.91
N MET A 179 6.88 4.62 -9.42
CA MET A 179 6.51 4.69 -8.01
C MET A 179 5.87 3.39 -7.56
N PRO A 180 6.23 2.85 -6.38
CA PRO A 180 7.25 3.24 -5.39
C PRO A 180 8.46 2.30 -5.32
N ASP A 181 8.73 1.53 -6.37
CA ASP A 181 9.76 0.49 -6.37
C ASP A 181 10.96 0.89 -7.19
N ILE A 182 12.08 0.21 -6.92
CA ILE A 182 13.25 0.30 -7.80
C ILE A 182 13.02 -0.69 -8.93
N TRP A 183 13.09 -0.18 -10.16
CA TRP A 183 12.89 -0.96 -11.36
C TRP A 183 14.22 -1.13 -12.09
N ILE A 184 14.24 -2.08 -13.00
CA ILE A 184 15.35 -2.29 -13.90
C ILE A 184 14.80 -2.43 -15.30
N ALA A 185 15.61 -2.08 -16.29
CA ALA A 185 15.24 -2.27 -17.69
C ALA A 185 16.52 -2.38 -18.50
N TYR A 186 16.36 -2.71 -19.77
CA TYR A 186 17.49 -3.10 -20.61
C TYR A 186 17.40 -2.42 -21.98
N SER A 187 18.54 -2.23 -22.62
CA SER A 187 18.57 -1.58 -23.92
C SER A 187 19.72 -2.07 -24.78
N ASP A 188 19.46 -2.16 -26.07
CA ASP A 188 20.49 -2.39 -27.08
C ASP A 188 21.11 -1.09 -27.60
N ASP A 189 20.41 0.02 -27.52
CA ASP A 189 20.86 1.21 -28.22
C ASP A 189 20.91 2.46 -27.35
N LEU A 190 20.66 2.35 -26.04
CA LEU A 190 20.57 3.49 -25.13
C LEU A 190 19.46 4.47 -25.50
N VAL A 191 18.45 3.97 -26.21
CA VAL A 191 17.34 4.76 -26.72
C VAL A 191 16.03 4.09 -26.32
N ASN A 192 15.92 2.80 -26.64
CA ASN A 192 14.72 2.00 -26.45
C ASN A 192 14.94 0.96 -25.36
N TRP A 193 14.03 0.94 -24.39
CA TRP A 193 14.19 0.17 -23.16
C TRP A 193 13.12 -0.90 -23.09
N TYR A 194 13.51 -2.09 -22.63
CA TYR A 194 12.56 -3.19 -22.58
C TYR A 194 12.92 -4.08 -21.41
N ASN A 195 12.17 -5.17 -21.26
CA ASN A 195 12.35 -6.11 -20.14
C ASN A 195 12.30 -5.39 -18.80
N HIS A 196 11.38 -4.43 -18.67
CA HIS A 196 11.13 -3.77 -17.40
C HIS A 196 10.78 -4.78 -16.32
N LYS A 197 11.30 -4.55 -15.11
CA LYS A 197 11.11 -5.50 -14.03
C LYS A 197 11.31 -4.75 -12.71
N ILE A 198 10.40 -4.97 -11.75
CA ILE A 198 10.64 -4.51 -10.39
C ILE A 198 11.73 -5.37 -9.76
N ILE A 199 12.71 -4.74 -9.13
CA ILE A 199 13.75 -5.52 -8.45
C ILE A 199 13.72 -5.37 -6.95
N MET A 200 13.13 -4.31 -6.41
CA MET A 200 13.15 -4.12 -4.97
C MET A 200 11.99 -3.20 -4.60
N SER A 201 11.44 -3.43 -3.42
CA SER A 201 10.22 -2.77 -3.02
C SER A 201 10.34 -2.19 -1.62
N PRO A 202 9.57 -1.15 -1.32
CA PRO A 202 9.49 -0.67 0.05
C PRO A 202 8.95 -1.74 0.98
N LYS A 203 9.17 -1.52 2.28
CA LYS A 203 8.85 -2.49 3.34
C LYS A 203 7.94 -1.81 4.35
N SER A 204 6.73 -2.34 4.52
CA SER A 204 5.74 -1.65 5.32
C SER A 204 6.15 -1.64 6.79
N HIS A 205 5.71 -0.59 7.50
CA HIS A 205 6.01 -0.42 8.92
C HIS A 205 7.51 -0.36 9.20
N THR A 206 8.26 0.22 8.27
CA THR A 206 9.70 0.44 8.44
C THR A 206 10.04 1.85 8.01
N TRP A 207 11.31 2.20 8.15
CA TRP A 207 11.80 3.50 7.67
C TRP A 207 11.74 3.60 6.16
N GLU A 208 11.58 2.48 5.45
CA GLU A 208 11.56 2.46 4.00
C GLU A 208 10.19 2.01 3.50
N SER A 209 9.11 2.51 4.11
CA SER A 209 7.78 2.00 3.80
C SER A 209 7.08 2.72 2.65
N LYS A 210 7.29 4.04 2.49
CA LYS A 210 6.53 4.78 1.50
C LYS A 210 7.05 4.50 0.08
N LYS A 211 8.35 4.62 -0.11
CA LYS A 211 8.93 4.47 -1.44
C LYS A 211 10.42 4.33 -1.27
N ILE A 212 11.05 3.79 -2.31
CA ILE A 212 12.50 3.65 -2.35
C ILE A 212 12.95 4.06 -3.75
N GLY A 213 14.25 4.29 -3.88
CA GLY A 213 14.83 4.66 -5.15
C GLY A 213 16.32 4.46 -5.06
N ILE A 214 16.96 4.23 -6.20
CA ILE A 214 18.39 4.01 -6.19
C ILE A 214 19.09 5.28 -5.75
N ALA A 215 20.24 5.13 -5.09
CA ALA A 215 21.08 6.29 -4.82
C ALA A 215 21.97 6.52 -6.04
N GLY A 216 23.29 6.41 -5.86
CA GLY A 216 24.18 6.46 -7.00
C GLY A 216 24.19 5.15 -7.75
N PRO A 217 24.90 5.14 -8.88
CA PRO A 217 25.02 3.91 -9.66
C PRO A 217 25.66 2.82 -8.81
N PRO A 218 25.28 1.56 -9.03
CA PRO A 218 25.84 0.49 -8.22
C PRO A 218 27.34 0.33 -8.41
N ILE A 219 28.02 -0.05 -7.34
CA ILE A 219 29.46 -0.24 -7.32
C ILE A 219 29.78 -1.72 -7.40
N LYS A 220 30.58 -2.10 -8.38
CA LYS A 220 30.96 -3.50 -8.57
C LYS A 220 31.85 -3.97 -7.43
N ARG A 221 31.54 -5.16 -6.92
CA ARG A 221 32.31 -5.84 -5.90
C ARG A 221 32.62 -7.24 -6.42
N GLU A 222 33.41 -7.99 -5.65
CA GLU A 222 33.64 -9.37 -6.02
C GLU A 222 32.40 -10.21 -5.77
N ASP A 223 31.61 -9.85 -4.77
CA ASP A 223 30.47 -10.63 -4.34
C ASP A 223 29.15 -10.13 -4.91
N GLY A 224 29.15 -9.08 -5.70
CA GLY A 224 27.93 -8.55 -6.25
C GLY A 224 28.07 -7.07 -6.58
N TRP A 225 26.95 -6.43 -6.88
CA TRP A 225 26.92 -4.99 -7.09
C TRP A 225 26.39 -4.36 -5.80
N LEU A 226 27.14 -3.41 -5.25
CA LEU A 226 26.68 -2.68 -4.08
C LEU A 226 25.64 -1.66 -4.52
N LEU A 227 24.42 -1.79 -3.98
CA LEU A 227 23.31 -0.91 -4.34
C LEU A 227 22.92 -0.11 -3.10
N ILE A 228 23.55 1.05 -2.95
CA ILE A 228 23.08 2.03 -2.00
C ILE A 228 21.79 2.62 -2.54
N TYR A 229 20.80 2.82 -1.67
CA TYR A 229 19.53 3.37 -2.11
C TYR A 229 19.01 4.30 -1.02
N HIS A 230 17.95 5.03 -1.33
CA HIS A 230 17.27 5.84 -0.34
C HIS A 230 15.89 5.25 -0.07
N GLY A 231 15.48 5.30 1.19
CA GLY A 231 14.16 4.86 1.60
C GLY A 231 13.43 6.01 2.26
N VAL A 232 12.12 6.09 2.00
CA VAL A 232 11.28 7.17 2.50
C VAL A 232 10.24 6.57 3.43
N ASP A 233 10.16 7.08 4.66
CA ASP A 233 9.18 6.55 5.59
C ASP A 233 7.84 7.29 5.45
N ASN A 234 6.91 6.99 6.35
CA ASN A 234 5.55 7.51 6.22
C ASN A 234 5.49 9.01 6.48
N ASN A 235 6.51 9.60 7.09
CA ASN A 235 6.57 11.04 7.30
C ASN A 235 7.54 11.73 6.32
N ASN A 236 7.90 11.06 5.24
CA ASN A 236 8.74 11.63 4.19
C ASN A 236 10.17 11.89 4.65
N VAL A 237 10.65 11.16 5.64
CA VAL A 237 12.05 11.25 6.04
C VAL A 237 12.87 10.39 5.10
N TYR A 238 13.91 10.96 4.49
CA TYR A 238 14.77 10.18 3.61
C TYR A 238 15.98 9.68 4.38
N ARG A 239 16.23 8.39 4.25
CA ARG A 239 17.43 7.76 4.79
C ARG A 239 18.09 6.94 3.68
N LEU A 240 19.36 6.58 3.88
CA LEU A 240 20.06 5.71 2.95
C LEU A 240 20.06 4.29 3.48
N GLY A 241 19.84 3.34 2.57
CA GLY A 241 20.00 1.93 2.87
C GLY A 241 20.98 1.31 1.88
N VAL A 242 21.19 0.01 2.02
CA VAL A 242 22.16 -0.68 1.15
C VAL A 242 21.69 -2.11 0.91
N ALA A 243 21.85 -2.55 -0.33
CA ALA A 243 21.54 -3.91 -0.76
C ALA A 243 22.67 -4.41 -1.67
N LEU A 244 22.61 -5.69 -2.02
CA LEU A 244 23.61 -6.29 -2.89
C LEU A 244 22.90 -6.98 -4.04
N LEU A 245 23.26 -6.63 -5.26
CA LEU A 245 22.69 -7.27 -6.43
C LEU A 245 23.61 -8.39 -6.86
N ASP A 246 23.01 -9.44 -7.45
CA ASP A 246 23.80 -10.53 -8.01
C ASP A 246 24.70 -9.99 -9.12
N LEU A 247 25.93 -10.52 -9.19
CA LEU A 247 26.93 -9.97 -10.09
C LEU A 247 26.55 -10.18 -11.55
N LYS A 248 26.13 -11.40 -11.91
CA LYS A 248 25.84 -11.72 -13.30
C LYS A 248 24.43 -11.28 -13.70
N ASP A 249 23.51 -11.20 -12.74
CA ASP A 249 22.12 -10.81 -12.96
C ASP A 249 21.76 -9.74 -11.94
N PRO A 250 22.07 -8.47 -12.21
CA PRO A 250 21.81 -7.42 -11.23
C PRO A 250 20.32 -7.08 -11.05
N SER A 251 19.43 -7.80 -11.72
CA SER A 251 18.01 -7.66 -11.38
C SER A 251 17.64 -8.51 -10.17
N LYS A 252 18.53 -9.36 -9.68
CA LYS A 252 18.26 -10.17 -8.50
C LYS A 252 18.96 -9.57 -7.28
N VAL A 253 18.19 -9.23 -6.26
CA VAL A 253 18.74 -8.76 -4.99
C VAL A 253 19.11 -9.99 -4.16
N ILE A 254 20.39 -10.09 -3.76
CA ILE A 254 20.85 -11.24 -2.98
C ILE A 254 21.10 -10.90 -1.52
N ALA A 255 21.09 -9.63 -1.15
CA ALA A 255 21.16 -9.24 0.25
C ALA A 255 20.64 -7.82 0.36
N ARG A 256 20.18 -7.49 1.56
CA ARG A 256 19.56 -6.20 1.80
C ARG A 256 19.61 -5.98 3.29
N GLN A 257 20.35 -4.97 3.72
CA GLN A 257 20.45 -4.68 5.13
C GLN A 257 19.15 -4.05 5.63
N LYS A 258 18.74 -4.45 6.83
CA LYS A 258 17.50 -3.98 7.42
C LYS A 258 17.63 -2.55 7.97
N GLU A 259 18.75 -2.22 8.59
CA GLU A 259 18.96 -0.90 9.16
C GLU A 259 19.50 0.07 8.10
N PRO A 260 19.14 1.34 8.21
CA PRO A 260 19.76 2.36 7.34
C PRO A 260 21.26 2.42 7.57
N ILE A 261 21.98 2.88 6.55
CA ILE A 261 23.41 3.20 6.71
C ILE A 261 23.65 4.68 6.98
N LEU A 262 22.64 5.54 6.82
CA LEU A 262 22.79 6.97 7.05
C LEU A 262 21.38 7.56 7.20
N GLU A 263 21.21 8.41 8.20
CA GLU A 263 19.94 9.05 8.52
C GLU A 263 20.20 10.50 8.86
N PRO A 264 19.20 11.37 8.70
CA PRO A 264 19.39 12.76 9.16
C PRO A 264 19.67 12.77 10.65
N GLU A 265 20.79 13.41 11.02
CA GLU A 265 21.22 13.46 12.42
C GLU A 265 21.75 14.85 12.80
N LEU A 266 22.61 15.42 11.97
CA LEU A 266 23.14 16.74 12.22
C LEU A 266 22.08 17.77 11.90
N ASP A 267 22.23 18.97 12.50
CA ASP A 267 21.16 19.97 12.34
C ASP A 267 21.00 20.42 10.90
N TRP A 268 22.06 20.39 10.10
CA TRP A 268 21.92 20.77 8.69
C TRP A 268 21.43 19.62 7.81
N GLU A 269 21.20 18.45 8.39
CA GLU A 269 20.51 17.35 7.74
C GLU A 269 19.04 17.26 8.16
N ILE A 270 18.74 17.65 9.40
CA ILE A 270 17.37 17.62 9.91
C ILE A 270 16.60 18.88 9.52
N ASN A 271 17.23 20.05 9.62
CA ASN A 271 16.61 21.32 9.27
C ASN A 271 17.24 21.87 8.00
N GLY A 272 16.40 22.43 7.13
CA GLY A 272 16.88 23.04 5.91
C GLY A 272 15.72 23.31 4.98
N LEU A 273 16.03 23.39 3.68
CA LEU A 273 15.00 23.69 2.70
C LEU A 273 13.95 22.58 2.63
N VAL A 274 14.36 21.33 2.73
CA VAL A 274 13.46 20.19 2.87
C VAL A 274 13.94 19.43 4.11
N PRO A 275 13.18 19.44 5.21
CA PRO A 275 13.68 18.82 6.44
C PRO A 275 13.86 17.31 6.30
N ASN A 276 14.70 16.76 7.17
CA ASN A 276 14.81 15.32 7.36
C ASN A 276 15.20 14.59 6.08
N VAL A 277 16.25 15.06 5.43
CA VAL A 277 16.72 14.41 4.21
C VAL A 277 18.22 14.19 4.27
N VAL A 278 18.64 12.95 4.07
CA VAL A 278 19.94 12.63 3.51
C VAL A 278 19.70 11.86 2.22
N PHE A 279 20.52 12.13 1.20
CA PHE A 279 20.24 11.65 -0.15
C PHE A 279 21.54 11.59 -0.93
N SER A 280 21.86 10.43 -1.51
CA SER A 280 23.08 10.29 -2.30
C SER A 280 22.74 10.04 -3.76
N CYS A 281 23.48 10.72 -4.65
CA CYS A 281 23.46 10.47 -6.08
C CYS A 281 24.80 9.92 -6.55
N GLY A 282 25.72 9.63 -5.63
CA GLY A 282 27.06 9.29 -6.05
C GLY A 282 27.96 8.82 -4.94
N ALA A 283 28.79 7.83 -5.26
CA ALA A 283 29.72 7.24 -4.31
C ALA A 283 30.82 6.59 -5.12
N VAL A 284 32.04 6.66 -4.60
CA VAL A 284 33.21 6.14 -5.30
C VAL A 284 34.07 5.36 -4.31
N GLU A 285 34.85 4.44 -4.87
CA GLU A 285 35.78 3.63 -4.09
C GLU A 285 37.17 4.18 -4.30
N VAL A 286 37.83 4.54 -3.21
CA VAL A 286 39.18 5.08 -3.25
C VAL A 286 39.94 4.44 -2.10
N ASN A 287 40.98 3.67 -2.44
CA ASN A 287 41.86 3.03 -1.46
C ASN A 287 41.07 2.25 -0.41
N ASP A 288 40.23 1.32 -0.90
CA ASP A 288 39.45 0.40 -0.05
C ASP A 288 38.46 1.14 0.85
N MET A 289 38.07 2.34 0.47
CA MET A 289 37.03 3.06 1.20
C MET A 289 35.99 3.53 0.22
N TYR A 290 34.72 3.38 0.59
CA TYR A 290 33.63 3.94 -0.19
C TYR A 290 33.37 5.36 0.32
N TYR A 291 33.41 6.35 -0.59
CA TYR A 291 33.06 7.72 -0.27
C TYR A 291 31.67 8.00 -0.80
N VAL A 292 30.73 8.30 0.10
CA VAL A 292 29.34 8.51 -0.25
C VAL A 292 29.03 9.99 -0.04
N TYR A 293 28.80 10.70 -1.14
CA TYR A 293 28.41 12.10 -1.08
C TYR A 293 26.90 12.18 -0.97
N TYR A 294 26.42 13.08 -0.12
CA TYR A 294 24.99 13.12 0.13
C TYR A 294 24.49 14.55 0.26
N GLY A 295 23.33 14.80 -0.33
CA GLY A 295 22.60 16.00 -0.02
C GLY A 295 22.01 15.91 1.37
N ALA A 296 21.97 17.06 2.04
CA ALA A 296 21.47 17.17 3.40
C ALA A 296 20.39 18.22 3.39
N ALA A 297 19.16 17.79 3.69
CA ALA A 297 18.00 18.68 3.75
C ALA A 297 17.79 19.44 2.45
N ASP A 298 18.21 18.84 1.33
CA ASP A 298 18.14 19.50 0.01
C ASP A 298 18.80 20.88 0.02
N THR A 299 19.80 21.07 0.88
CA THR A 299 20.40 22.38 1.07
C THR A 299 21.93 22.37 0.99
N HIS A 300 22.60 21.38 1.58
CA HIS A 300 24.05 21.32 1.63
C HIS A 300 24.52 19.94 1.17
N ILE A 301 25.84 19.80 1.03
CA ILE A 301 26.47 18.52 0.68
C ILE A 301 27.38 18.09 1.80
N GLY A 302 27.23 16.83 2.24
CA GLY A 302 28.18 16.20 3.13
C GLY A 302 28.80 14.99 2.44
N VAL A 303 29.74 14.39 3.15
CA VAL A 303 30.38 13.18 2.65
C VAL A 303 30.57 12.23 3.82
N ALA A 304 30.28 10.95 3.60
CA ALA A 304 30.47 9.95 4.62
C ALA A 304 31.08 8.72 3.97
N VAL A 305 31.75 7.92 4.79
CA VAL A 305 32.59 6.86 4.26
C VAL A 305 32.27 5.56 5.00
N ILE A 306 32.68 4.46 4.38
CA ILE A 306 32.81 3.20 5.10
C ILE A 306 34.00 2.46 4.51
N GLU A 307 34.78 1.83 5.39
CA GLU A 307 35.82 0.90 4.94
C GLU A 307 35.18 -0.28 4.22
N LYS A 308 35.77 -0.64 3.08
CA LYS A 308 35.24 -1.74 2.26
C LYS A 308 35.18 -3.05 3.02
N GLU A 309 36.12 -3.28 3.94
CA GLU A 309 36.14 -4.52 4.71
C GLU A 309 34.90 -4.67 5.55
N LYS A 310 34.36 -3.55 6.06
CA LYS A 310 33.19 -3.59 6.93
C LYS A 310 31.88 -3.80 6.19
N VAL A 311 31.89 -3.81 4.86
CA VAL A 311 30.66 -4.03 4.10
C VAL A 311 30.42 -5.53 4.06
N LYS A 312 29.53 -6.00 4.93
CA LYS A 312 29.26 -7.42 5.09
C LYS A 312 27.75 -7.63 5.11
N PHE A 313 27.27 -8.62 4.35
CA PHE A 313 25.89 -9.05 4.42
C PHE A 313 25.87 -10.50 4.93
N MET B 12 8.52 -24.45 1.29
CA MET B 12 8.86 -25.72 0.65
C MET B 12 7.88 -26.86 1.01
N PHE B 13 6.82 -26.62 1.78
CA PHE B 13 5.86 -27.69 2.01
C PHE B 13 4.44 -27.22 1.72
N ARG B 14 3.58 -28.19 1.45
CA ARG B 14 2.22 -27.96 0.96
C ARG B 14 1.27 -28.96 1.59
N LEU B 15 0.00 -28.58 1.65
CA LEU B 15 -1.04 -29.47 2.08
C LEU B 15 -1.47 -30.36 0.92
N THR B 16 -1.94 -31.57 1.26
CA THR B 16 -2.46 -32.53 0.29
C THR B 16 -3.93 -32.75 0.59
N ARG B 17 -4.80 -32.51 -0.39
CA ARG B 17 -6.21 -32.71 -0.19
C ARG B 17 -6.50 -34.19 0.06
N LEU B 18 -7.35 -34.45 1.06
CA LEU B 18 -7.79 -35.82 1.29
C LEU B 18 -8.81 -36.27 0.28
N SER B 19 -9.51 -35.34 -0.35
CA SER B 19 -10.59 -35.64 -1.27
C SER B 19 -10.62 -34.61 -2.38
N ASN B 20 -10.94 -35.06 -3.59
CA ASN B 20 -11.15 -34.15 -4.72
C ASN B 20 -12.60 -33.66 -4.81
N LYS B 21 -13.46 -34.06 -3.87
CA LYS B 21 -14.82 -33.57 -3.72
C LYS B 21 -14.96 -32.94 -2.35
N PRO B 22 -15.93 -32.04 -2.17
CA PRO B 22 -16.22 -31.51 -0.83
C PRO B 22 -16.54 -32.62 0.16
N ILE B 23 -16.19 -32.41 1.42
CA ILE B 23 -16.68 -33.30 2.45
C ILE B 23 -17.97 -32.79 3.08
N LEU B 24 -18.24 -31.48 3.00
CA LEU B 24 -19.53 -30.93 3.38
C LEU B 24 -19.94 -29.93 2.32
N SER B 25 -21.21 -29.98 1.97
CA SER B 25 -21.80 -29.13 0.95
C SER B 25 -23.10 -28.57 1.47
N PRO B 26 -23.63 -27.53 0.83
CA PRO B 26 -24.93 -26.99 1.26
C PRO B 26 -26.04 -28.01 1.13
N ILE B 27 -27.08 -27.79 1.91
CA ILE B 27 -28.28 -28.63 1.94
C ILE B 27 -29.45 -27.78 1.48
N LYS B 28 -29.93 -28.01 0.26
CA LYS B 28 -30.92 -27.12 -0.33
C LYS B 28 -32.22 -27.13 0.45
N GLU B 29 -32.52 -28.25 1.12
CA GLU B 29 -33.73 -28.36 1.93
C GLU B 29 -33.65 -27.59 3.24
N HIS B 30 -32.46 -27.14 3.65
CA HIS B 30 -32.28 -26.38 4.88
C HIS B 30 -32.05 -24.92 4.50
N GLU B 31 -33.00 -24.07 4.85
CA GLU B 31 -32.89 -22.65 4.51
C GLU B 31 -31.58 -22.06 5.02
N TRP B 32 -31.19 -22.36 6.27
CA TRP B 32 -30.05 -21.72 6.89
C TRP B 32 -28.71 -22.13 6.28
N GLU B 33 -28.65 -23.24 5.57
CA GLU B 33 -27.43 -23.70 4.94
C GLU B 33 -27.69 -24.03 3.47
N LYS B 34 -28.61 -23.31 2.86
CA LYS B 34 -29.09 -23.61 1.52
C LYS B 34 -28.05 -23.33 0.45
N GLU B 35 -27.20 -22.33 0.66
CA GLU B 35 -26.28 -21.93 -0.40
C GLU B 35 -24.82 -22.18 -0.09
N ALA B 36 -24.43 -22.17 1.17
CA ALA B 36 -23.00 -22.29 1.46
C ALA B 36 -22.80 -22.97 2.80
N VAL B 37 -21.79 -23.82 2.88
CA VAL B 37 -21.17 -24.22 4.14
C VAL B 37 -19.66 -24.11 3.94
N PHE B 38 -18.98 -23.47 4.88
CA PHE B 38 -17.57 -23.11 4.67
C PHE B 38 -17.00 -22.62 5.98
N ASN B 39 -15.75 -22.12 5.91
CA ASN B 39 -15.03 -21.48 7.00
C ASN B 39 -15.38 -22.02 8.39
N ALA B 40 -14.85 -23.19 8.72
CA ALA B 40 -15.28 -23.99 9.85
C ALA B 40 -14.19 -24.06 10.91
N ALA B 41 -14.56 -23.79 12.16
CA ALA B 41 -13.68 -24.12 13.27
C ALA B 41 -13.62 -25.64 13.46
N VAL B 42 -12.54 -26.09 14.10
CA VAL B 42 -12.26 -27.53 14.22
C VAL B 42 -11.66 -27.78 15.59
N ILE B 43 -12.24 -28.73 16.33
CA ILE B 43 -11.71 -29.22 17.61
C ILE B 43 -11.66 -30.75 17.55
N TYR B 44 -10.54 -31.33 17.93
CA TYR B 44 -10.41 -32.78 17.97
C TYR B 44 -10.50 -33.25 19.43
N GLU B 45 -11.62 -33.89 19.78
CA GLU B 45 -11.90 -34.36 21.12
C GLU B 45 -12.64 -35.69 21.04
N GLY B 46 -12.37 -36.56 22.02
CA GLY B 46 -13.07 -37.83 22.11
C GLY B 46 -12.89 -38.72 20.91
N ASN B 47 -11.73 -38.66 20.25
CA ASN B 47 -11.47 -39.37 18.98
C ASN B 47 -12.46 -38.97 17.90
N LYS B 48 -12.89 -37.70 17.91
CA LYS B 48 -13.90 -37.20 16.99
C LYS B 48 -13.51 -35.81 16.54
N PHE B 49 -13.74 -35.53 15.26
CA PHE B 49 -13.59 -34.21 14.67
C PHE B 49 -14.90 -33.44 14.87
N HIS B 50 -14.82 -32.30 15.55
CA HIS B 50 -15.97 -31.41 15.77
C HIS B 50 -15.81 -30.20 14.86
N LEU B 51 -16.72 -30.07 13.89
CA LEU B 51 -16.70 -28.98 12.92
C LEU B 51 -17.81 -28.01 13.24
N PHE B 52 -17.46 -26.74 13.36
CA PHE B 52 -18.47 -25.69 13.54
C PHE B 52 -18.36 -24.80 12.30
N TYR B 53 -19.26 -24.99 11.35
CA TYR B 53 -19.10 -24.43 10.02
C TYR B 53 -20.03 -23.24 9.82
N ARG B 54 -19.50 -22.21 9.16
CA ARG B 54 -20.35 -21.14 8.69
C ARG B 54 -21.28 -21.68 7.61
N ALA B 55 -22.51 -21.20 7.61
CA ALA B 55 -23.54 -21.61 6.68
C ALA B 55 -24.29 -20.37 6.23
N SER B 56 -24.65 -20.32 4.95
CA SER B 56 -25.38 -19.19 4.41
C SER B 56 -26.65 -19.64 3.73
N ASN B 57 -27.69 -18.84 3.90
CA ASN B 57 -28.96 -19.01 3.21
C ASN B 57 -28.98 -18.36 1.83
N ASN B 58 -27.91 -17.68 1.42
CA ASN B 58 -27.98 -16.84 0.23
C ASN B 58 -26.58 -16.63 -0.35
N LYS B 59 -26.53 -16.31 -1.64
CA LYS B 59 -25.27 -15.85 -2.22
C LYS B 59 -24.89 -14.50 -1.60
N PHE B 60 -23.69 -14.03 -1.94
CA PHE B 60 -23.09 -12.87 -1.27
C PHE B 60 -22.91 -11.72 -2.27
N VAL B 61 -23.94 -10.90 -2.42
CA VAL B 61 -23.79 -9.64 -3.15
C VAL B 61 -23.07 -8.67 -2.23
N LEU B 62 -21.88 -8.23 -2.64
CA LEU B 62 -21.07 -7.33 -1.83
C LEU B 62 -20.81 -5.97 -2.46
N ASN B 63 -21.20 -5.77 -3.73
CA ASN B 63 -20.82 -4.58 -4.48
C ASN B 63 -21.92 -3.52 -4.49
N THR B 64 -22.63 -3.37 -3.39
CA THR B 64 -23.59 -2.29 -3.21
C THR B 64 -23.01 -1.28 -2.23
N GLU B 65 -23.43 -0.03 -2.38
CA GLU B 65 -23.00 1.03 -1.47
C GLU B 65 -23.16 0.59 -0.02
N LYS B 66 -24.31 0.00 0.30
CA LYS B 66 -24.65 -0.42 1.64
C LYS B 66 -25.26 -1.82 1.55
N PRO B 67 -25.30 -2.56 2.66
CA PRO B 67 -26.03 -3.84 2.65
C PRO B 67 -27.52 -3.60 2.47
N GLU B 68 -28.11 -4.29 1.50
CA GLU B 68 -29.49 -4.03 1.11
C GLU B 68 -30.33 -5.25 1.42
N GLU B 69 -31.52 -5.01 1.98
CA GLU B 69 -32.42 -6.10 2.37
C GLU B 69 -32.63 -7.09 1.24
N LYS B 70 -32.76 -6.61 0.00
CA LYS B 70 -33.05 -7.52 -1.10
C LYS B 70 -31.86 -8.40 -1.48
N TYR B 71 -30.66 -8.10 -0.99
CA TYR B 71 -29.50 -8.97 -1.16
C TYR B 71 -29.03 -9.56 0.17
N LYS B 72 -29.87 -9.50 1.19
CA LYS B 72 -29.47 -9.93 2.52
C LYS B 72 -29.18 -11.43 2.54
N PHE B 73 -28.03 -11.76 3.13
CA PHE B 73 -27.64 -13.13 3.40
C PHE B 73 -27.48 -13.25 4.91
N VAL B 74 -27.78 -14.42 5.45
CA VAL B 74 -27.68 -14.65 6.89
C VAL B 74 -26.70 -15.78 7.13
N SER B 75 -25.72 -15.53 7.98
CA SER B 75 -24.74 -16.56 8.30
C SER B 75 -25.15 -17.22 9.60
N SER B 76 -25.14 -18.56 9.59
CA SER B 76 -25.38 -19.33 10.79
C SER B 76 -24.17 -20.24 10.99
N ILE B 77 -24.03 -20.76 12.20
CA ILE B 77 -22.98 -21.71 12.51
C ILE B 77 -23.62 -23.06 12.76
N GLY B 78 -23.37 -24.00 11.84
CA GLY B 78 -23.80 -25.37 12.04
C GLY B 78 -22.70 -26.21 12.66
N TYR B 79 -23.09 -27.42 13.08
CA TYR B 79 -22.18 -28.38 13.71
C TYR B 79 -22.19 -29.69 12.93
N ALA B 80 -21.04 -30.33 12.86
CA ALA B 80 -20.93 -31.68 12.31
C ALA B 80 -19.84 -32.40 13.09
N VAL B 81 -19.96 -33.73 13.19
CA VAL B 81 -19.00 -34.52 13.97
C VAL B 81 -18.61 -35.75 13.16
N SER B 82 -17.34 -36.15 13.24
CA SER B 82 -16.80 -37.25 12.44
C SER B 82 -15.78 -38.04 13.24
N GLU B 83 -15.79 -39.35 13.05
CA GLU B 83 -14.72 -40.17 13.60
C GLU B 83 -13.50 -40.26 12.68
N ASP B 84 -13.73 -40.36 11.38
CA ASP B 84 -12.63 -40.56 10.44
C ASP B 84 -12.12 -39.26 9.82
N GLY B 85 -12.85 -38.15 10.01
CA GLY B 85 -12.48 -36.86 9.45
C GLY B 85 -13.04 -36.58 8.08
N ILE B 86 -13.81 -37.51 7.54
CA ILE B 86 -14.30 -37.44 6.17
C ILE B 86 -15.82 -37.54 6.12
N ASN B 87 -16.39 -38.53 6.79
CA ASN B 87 -17.83 -38.67 6.87
C ASN B 87 -18.32 -38.06 8.19
N PHE B 88 -19.25 -37.13 8.07
CA PHE B 88 -19.71 -36.36 9.21
C PHE B 88 -21.19 -36.63 9.45
N GLU B 89 -21.57 -36.55 10.72
CA GLU B 89 -22.96 -36.50 11.10
C GLU B 89 -23.35 -35.03 11.24
N ARG B 90 -24.42 -34.65 10.58
CA ARG B 90 -24.89 -33.27 10.53
C ARG B 90 -26.23 -33.14 11.24
N PHE B 91 -26.68 -31.90 11.36
CA PHE B 91 -27.83 -31.57 12.18
C PHE B 91 -28.79 -30.67 11.41
N ASP B 92 -30.06 -30.69 11.84
CA ASP B 92 -31.12 -30.08 11.07
C ASP B 92 -31.18 -28.57 11.25
N LYS B 93 -30.69 -28.06 12.37
CA LYS B 93 -30.71 -26.66 12.73
C LYS B 93 -29.31 -26.24 13.11
N PRO B 94 -28.97 -24.96 12.97
CA PRO B 94 -27.63 -24.51 13.37
C PRO B 94 -27.51 -24.46 14.89
N VAL B 95 -26.27 -24.51 15.36
CA VAL B 95 -26.03 -24.45 16.80
C VAL B 95 -25.76 -23.05 17.32
N LEU B 96 -25.61 -22.07 16.42
CA LEU B 96 -25.48 -20.68 16.84
C LEU B 96 -26.01 -19.77 15.75
N VAL B 97 -26.88 -18.82 16.14
CA VAL B 97 -27.41 -17.84 15.21
C VAL B 97 -27.22 -16.45 15.82
N GLY B 98 -27.38 -15.44 14.96
CA GLY B 98 -27.12 -14.08 15.38
C GLY B 98 -28.23 -13.50 16.27
N GLU B 99 -27.82 -12.90 17.38
CA GLU B 99 -28.63 -11.93 18.13
C GLU B 99 -28.98 -10.73 17.25
N ILE B 100 -30.18 -10.22 17.40
CA ILE B 100 -30.58 -9.02 16.66
C ILE B 100 -30.48 -7.84 17.63
N PRO B 101 -30.04 -6.65 17.20
CA PRO B 101 -29.66 -6.22 15.85
C PRO B 101 -28.17 -6.32 15.53
N GLN B 102 -27.31 -6.51 16.51
CA GLN B 102 -25.88 -6.37 16.22
C GLN B 102 -25.32 -7.51 15.37
N GLU B 103 -26.00 -8.67 15.33
CA GLU B 103 -25.61 -9.79 14.50
C GLU B 103 -26.75 -10.20 13.55
N ALA B 104 -27.51 -9.21 13.05
CA ALA B 104 -28.71 -9.52 12.28
C ALA B 104 -28.40 -10.24 10.97
N TRP B 105 -27.23 -10.02 10.38
CA TRP B 105 -26.85 -10.83 9.22
C TRP B 105 -25.99 -12.03 9.62
N GLY B 106 -25.89 -12.32 10.90
CA GLY B 106 -25.46 -13.62 11.36
C GLY B 106 -24.06 -13.63 11.94
N VAL B 107 -23.48 -14.82 11.97
CA VAL B 107 -22.25 -15.09 12.72
C VAL B 107 -21.32 -15.88 11.81
N GLU B 108 -20.04 -15.47 11.75
CA GLU B 108 -19.19 -15.90 10.66
C GLU B 108 -17.85 -16.44 11.15
N ASP B 109 -17.27 -17.33 10.35
CA ASP B 109 -15.86 -17.70 10.45
C ASP B 109 -15.41 -17.98 11.89
N PRO B 110 -16.02 -18.95 12.56
CA PRO B 110 -15.63 -19.23 13.95
C PRO B 110 -14.26 -19.88 14.02
N ARG B 111 -13.52 -19.50 15.06
CA ARG B 111 -12.29 -20.16 15.49
C ARG B 111 -12.49 -20.59 16.92
N ILE B 112 -12.22 -21.86 17.22
CA ILE B 112 -12.43 -22.38 18.56
C ILE B 112 -11.08 -22.77 19.15
N THR B 113 -10.83 -22.27 20.34
CA THR B 113 -9.61 -22.55 21.10
C THR B 113 -9.99 -23.14 22.44
N LYS B 114 -9.37 -24.28 22.78
CA LYS B 114 -9.47 -24.82 24.14
C LYS B 114 -8.39 -24.17 25.00
N ILE B 115 -8.81 -23.51 26.06
CA ILE B 115 -7.91 -22.99 27.07
C ILE B 115 -8.30 -23.64 28.38
N ASP B 116 -7.36 -24.38 28.98
CA ASP B 116 -7.62 -25.27 30.10
C ASP B 116 -8.83 -26.14 29.82
N ASN B 117 -9.91 -25.98 30.56
CA ASN B 117 -11.01 -26.90 30.31
C ASN B 117 -12.24 -26.19 29.79
N LYS B 118 -12.02 -25.09 29.06
CA LYS B 118 -13.10 -24.33 28.45
C LYS B 118 -12.78 -24.10 26.98
N TYR B 119 -13.83 -24.08 26.18
CA TYR B 119 -13.74 -23.87 24.75
C TYR B 119 -14.21 -22.46 24.44
N TYR B 120 -13.43 -21.72 23.67
CA TYR B 120 -13.76 -20.35 23.34
C TYR B 120 -13.95 -20.27 21.83
N MET B 121 -15.12 -19.83 21.43
CA MET B 121 -15.44 -19.63 20.02
C MET B 121 -15.45 -18.15 19.72
N LEU B 122 -14.54 -17.72 18.86
CA LEU B 122 -14.52 -16.34 18.39
C LEU B 122 -15.03 -16.35 16.96
N TYR B 123 -15.95 -15.44 16.66
CA TYR B 123 -16.56 -15.41 15.35
C TYR B 123 -16.81 -13.94 15.00
N THR B 124 -17.14 -13.69 13.75
CA THR B 124 -17.51 -12.34 13.31
C THR B 124 -19.03 -12.18 13.38
N GLY B 125 -19.49 -11.31 14.29
CA GLY B 125 -20.89 -10.87 14.24
C GLY B 125 -21.04 -9.77 13.20
N PHE B 126 -21.99 -9.94 12.29
CA PHE B 126 -22.25 -9.00 11.21
C PHE B 126 -23.69 -8.52 11.33
N GLY B 127 -23.87 -7.22 11.58
CA GLY B 127 -25.18 -6.65 11.75
C GLY B 127 -25.83 -6.18 10.47
N GLY B 128 -25.09 -6.10 9.37
CA GLY B 128 -25.66 -5.68 8.09
C GLY B 128 -26.13 -4.24 8.00
N ARG B 129 -25.86 -3.41 9.01
CA ARG B 129 -26.30 -2.02 8.93
C ARG B 129 -25.36 -1.14 8.11
N ASP B 130 -24.14 -1.60 7.86
CA ASP B 130 -23.14 -0.96 7.03
C ASP B 130 -22.13 -2.04 6.72
N TRP B 131 -21.31 -1.84 5.68
CA TRP B 131 -20.30 -2.85 5.38
C TRP B 131 -19.22 -2.96 6.46
N LEU B 132 -19.13 -1.98 7.36
CA LEU B 132 -18.22 -2.03 8.49
C LEU B 132 -18.91 -2.46 9.77
N ASP B 133 -20.17 -2.92 9.67
CA ASP B 133 -20.98 -3.28 10.83
C ASP B 133 -20.68 -4.71 11.29
N PHE B 134 -19.40 -4.97 11.56
CA PHE B 134 -18.98 -6.28 12.00
C PHE B 134 -17.94 -6.13 13.11
N ARG B 135 -17.84 -7.16 13.94
CA ARG B 135 -16.94 -7.11 15.08
C ARG B 135 -16.63 -8.54 15.51
N ILE B 136 -15.53 -8.69 16.25
CA ILE B 136 -15.17 -9.96 16.85
C ILE B 136 -16.05 -10.18 18.09
N CYS B 137 -16.78 -11.29 18.10
CA CYS B 137 -17.53 -11.71 19.27
C CYS B 137 -16.98 -13.02 19.83
N MET B 138 -17.33 -13.28 21.08
CA MET B 138 -16.87 -14.48 21.75
C MET B 138 -18.02 -15.11 22.53
N VAL B 139 -18.14 -16.42 22.43
CA VAL B 139 -18.91 -17.23 23.37
C VAL B 139 -18.01 -18.36 23.87
N TRP B 140 -18.45 -19.03 24.93
CA TRP B 140 -17.64 -20.11 25.46
C TRP B 140 -18.52 -21.21 26.01
N SER B 141 -17.92 -22.38 26.15
CA SER B 141 -18.59 -23.55 26.73
C SER B 141 -17.55 -24.41 27.42
N ASP B 142 -18.02 -25.28 28.30
CA ASP B 142 -17.14 -26.31 28.83
C ASP B 142 -17.35 -27.65 28.16
N ASP B 143 -18.25 -27.73 27.18
CA ASP B 143 -18.67 -29.02 26.65
C ASP B 143 -18.89 -29.02 25.14
N LEU B 144 -18.57 -27.93 24.44
CA LEU B 144 -18.88 -27.74 23.03
C LEU B 144 -20.36 -27.80 22.73
N LYS B 145 -21.22 -27.70 23.74
CA LYS B 145 -22.66 -27.83 23.53
C LYS B 145 -23.47 -26.65 24.03
N ASN B 146 -23.15 -26.12 25.21
CA ASN B 146 -23.91 -25.03 25.83
C ASN B 146 -23.05 -23.77 25.83
N TRP B 147 -23.22 -22.96 24.80
CA TRP B 147 -22.42 -21.76 24.62
C TRP B 147 -23.06 -20.60 25.38
N LYS B 148 -22.22 -19.80 26.03
CA LYS B 148 -22.76 -18.71 26.81
C LYS B 148 -21.73 -17.59 26.89
N GLY B 149 -22.05 -16.57 27.69
CA GLY B 149 -21.14 -15.48 27.97
C GLY B 149 -20.75 -14.66 26.77
N HIS B 150 -21.70 -14.38 25.87
CA HIS B 150 -21.39 -13.63 24.66
C HIS B 150 -20.81 -12.26 25.01
N ARG B 151 -19.79 -11.85 24.26
CA ARG B 151 -19.24 -10.52 24.44
C ARG B 151 -18.62 -10.05 23.13
N ILE B 152 -18.61 -8.73 22.93
CA ILE B 152 -17.84 -8.12 21.85
C ILE B 152 -16.39 -8.06 22.30
N VAL B 153 -15.51 -8.76 21.59
CA VAL B 153 -14.11 -8.86 22.02
C VAL B 153 -13.41 -7.51 21.86
N LEU B 154 -13.42 -6.97 20.65
CA LEU B 154 -12.97 -5.62 20.36
C LEU B 154 -14.14 -4.85 19.75
N ASP B 155 -14.46 -3.69 20.33
CA ASP B 155 -15.59 -2.88 19.86
C ASP B 155 -15.14 -1.97 18.72
N GLU B 156 -14.97 -2.58 17.56
CA GLU B 156 -14.39 -1.94 16.39
C GLU B 156 -14.53 -2.91 15.22
N PRO B 157 -14.49 -2.42 13.98
CA PRO B 157 -14.52 -3.33 12.82
C PRO B 157 -13.24 -4.15 12.78
N ASN B 158 -13.38 -5.46 12.91
CA ASN B 158 -12.25 -6.36 13.08
C ASN B 158 -12.78 -7.78 12.92
N LYS B 159 -11.89 -8.69 12.53
CA LYS B 159 -12.29 -10.07 12.26
C LYS B 159 -11.02 -10.92 12.25
N ASP B 160 -11.11 -12.13 11.71
CA ASP B 160 -9.96 -13.03 11.65
C ASP B 160 -9.31 -13.14 13.03
N ALA B 161 -10.11 -13.52 14.02
CA ALA B 161 -9.65 -13.55 15.40
C ALA B 161 -9.56 -14.97 15.95
N ALA B 162 -8.57 -15.20 16.82
CA ALA B 162 -8.44 -16.49 17.49
C ALA B 162 -7.67 -16.31 18.79
N LEU B 163 -8.04 -17.11 19.80
CA LEU B 163 -7.30 -17.16 21.06
C LEU B 163 -6.16 -18.16 20.96
N LEU B 164 -5.03 -17.82 21.55
CA LEU B 164 -3.99 -18.81 21.77
C LEU B 164 -4.46 -19.83 22.79
N SER B 165 -4.01 -21.08 22.64
CA SER B 165 -4.52 -22.15 23.48
C SER B 165 -3.95 -22.15 24.89
N GLU B 166 -2.95 -21.31 25.18
CA GLU B 166 -2.54 -21.16 26.56
C GLU B 166 -2.16 -19.72 26.81
N LYS B 167 -1.92 -19.41 28.08
CA LYS B 167 -1.50 -18.09 28.49
C LYS B 167 0.00 -17.92 28.27
N ILE B 168 0.40 -16.66 28.05
CA ILE B 168 1.81 -16.27 27.97
C ILE B 168 2.04 -15.27 29.09
N ASN B 169 2.97 -15.60 29.98
CA ASN B 169 3.28 -14.75 31.14
C ASN B 169 2.00 -14.32 31.85
N GLY B 170 1.10 -15.28 32.03
CA GLY B 170 -0.14 -15.05 32.75
C GLY B 170 -1.19 -14.28 32.01
N LYS B 171 -1.03 -14.06 30.70
CA LYS B 171 -2.00 -13.30 29.92
C LYS B 171 -2.61 -14.16 28.84
N TYR B 172 -3.91 -13.98 28.65
CA TYR B 172 -4.58 -14.49 27.46
C TYR B 172 -4.09 -13.75 26.23
N VAL B 173 -3.98 -14.47 25.11
CA VAL B 173 -3.39 -13.91 23.90
C VAL B 173 -4.42 -13.97 22.78
N LEU B 174 -4.65 -12.83 22.12
CA LEU B 174 -5.62 -12.69 21.05
C LEU B 174 -4.89 -12.34 19.76
N PHE B 175 -5.22 -13.05 18.69
CA PHE B 175 -4.81 -12.67 17.35
C PHE B 175 -6.00 -12.02 16.66
N HIS B 176 -5.80 -10.86 16.04
CA HIS B 176 -6.91 -10.18 15.38
C HIS B 176 -6.38 -9.54 14.10
N ARG B 177 -7.18 -8.67 13.48
CA ARG B 177 -6.81 -8.20 12.15
C ARG B 177 -7.38 -6.81 11.86
N ARG B 178 -6.86 -5.79 12.52
CA ARG B 178 -6.99 -4.44 11.98
C ARG B 178 -6.33 -4.39 10.60
N MET B 179 -7.11 -4.02 9.60
CA MET B 179 -6.69 -4.09 8.20
C MET B 179 -5.32 -3.43 8.01
N PRO B 180 -4.37 -4.07 7.29
CA PRO B 180 -4.45 -5.40 6.70
C PRO B 180 -3.49 -6.39 7.34
N ASP B 181 -3.16 -6.21 8.62
CA ASP B 181 -2.08 -6.99 9.24
C ASP B 181 -2.65 -7.99 10.21
N ILE B 182 -1.85 -8.99 10.56
CA ILE B 182 -2.18 -9.83 11.70
C ILE B 182 -1.66 -9.15 12.95
N TRP B 183 -2.55 -8.89 13.89
CA TRP B 183 -2.22 -8.26 15.15
C TRP B 183 -2.27 -9.28 16.28
N ILE B 184 -1.62 -8.92 17.38
CA ILE B 184 -1.68 -9.66 18.63
C ILE B 184 -2.10 -8.69 19.73
N ALA B 185 -2.77 -9.22 20.75
CA ALA B 185 -3.13 -8.43 21.92
C ALA B 185 -3.23 -9.38 23.11
N TYR B 186 -3.28 -8.79 24.30
CA TYR B 186 -3.19 -9.54 25.54
C TYR B 186 -4.30 -9.10 26.47
N SER B 187 -4.69 -9.99 27.39
CA SER B 187 -5.76 -9.70 28.33
C SER B 187 -5.53 -10.44 29.64
N ASP B 188 -5.93 -9.81 30.75
CA ASP B 188 -5.94 -10.47 32.05
C ASP B 188 -7.23 -11.22 32.32
N ASP B 189 -8.30 -10.86 31.62
CA ASP B 189 -9.63 -11.26 32.03
C ASP B 189 -10.54 -11.69 30.88
N LEU B 190 -10.05 -11.74 29.65
CA LEU B 190 -10.84 -12.12 28.48
C LEU B 190 -11.98 -11.14 28.20
N VAL B 191 -11.89 -9.92 28.73
CA VAL B 191 -12.83 -8.84 28.45
C VAL B 191 -12.11 -7.63 27.87
N ASN B 192 -11.00 -7.23 28.49
CA ASN B 192 -10.27 -6.00 28.18
C ASN B 192 -8.92 -6.35 27.56
N TRP B 193 -8.59 -5.73 26.43
CA TRP B 193 -7.41 -6.12 25.68
C TRP B 193 -6.42 -4.98 25.58
N TYR B 194 -5.14 -5.31 25.68
CA TYR B 194 -4.11 -4.30 25.67
C TYR B 194 -2.86 -4.88 25.02
N ASN B 195 -1.79 -4.07 25.00
CA ASN B 195 -0.53 -4.42 24.36
C ASN B 195 -0.73 -4.88 22.91
N HIS B 196 -1.60 -4.19 22.19
CA HIS B 196 -1.78 -4.44 20.77
C HIS B 196 -0.46 -4.28 20.02
N LYS B 197 -0.24 -5.18 19.07
CA LYS B 197 1.01 -5.19 18.33
C LYS B 197 0.78 -5.84 16.96
N ILE B 198 1.30 -5.21 15.92
CA ILE B 198 1.41 -5.87 14.62
C ILE B 198 2.49 -6.94 14.71
N ILE B 199 2.15 -8.17 14.31
CA ILE B 199 3.15 -9.24 14.27
C ILE B 199 3.48 -9.68 12.85
N MET B 200 2.59 -9.47 11.88
CA MET B 200 2.85 -9.94 10.53
C MET B 200 2.06 -9.08 9.55
N SER B 201 2.67 -8.79 8.41
CA SER B 201 2.15 -7.88 7.41
C SER B 201 2.14 -8.53 6.03
N PRO B 202 1.28 -8.05 5.12
CA PRO B 202 1.36 -8.50 3.73
C PRO B 202 2.74 -8.21 3.14
N LYS B 203 2.98 -8.81 1.98
CA LYS B 203 4.21 -8.61 1.21
C LYS B 203 3.83 -8.18 -0.21
N SER B 204 4.34 -7.02 -0.62
CA SER B 204 3.93 -6.45 -1.90
C SER B 204 4.41 -7.34 -3.05
N HIS B 205 3.68 -7.27 -4.16
CA HIS B 205 4.01 -8.02 -5.38
C HIS B 205 4.12 -9.52 -5.14
N THR B 206 3.28 -10.05 -4.25
CA THR B 206 3.19 -11.48 -4.02
C THR B 206 1.71 -11.89 -3.95
N TRP B 207 1.49 -13.19 -3.77
CA TRP B 207 0.14 -13.72 -3.60
C TRP B 207 -0.52 -13.20 -2.34
N GLU B 208 0.24 -12.63 -1.42
CA GLU B 208 -0.25 -12.15 -0.13
C GLU B 208 -0.01 -10.65 0.01
N SER B 209 -0.30 -9.91 -1.06
CA SER B 209 0.01 -8.48 -1.12
C SER B 209 -1.10 -7.63 -0.53
N LYS B 210 -2.35 -8.05 -0.72
CA LYS B 210 -3.45 -7.17 -0.36
C LYS B 210 -3.68 -7.14 1.14
N LYS B 211 -3.79 -8.32 1.76
CA LYS B 211 -4.06 -8.38 3.20
C LYS B 211 -3.86 -9.82 3.64
N ILE B 212 -3.70 -9.99 4.94
CA ILE B 212 -3.51 -11.31 5.53
C ILE B 212 -4.34 -11.39 6.80
N GLY B 213 -4.59 -12.61 7.24
CA GLY B 213 -5.33 -12.83 8.46
C GLY B 213 -5.07 -14.23 8.95
N ILE B 214 -5.23 -14.42 10.26
CA ILE B 214 -4.98 -15.75 10.80
C ILE B 214 -5.99 -16.73 10.23
N ALA B 215 -5.56 -17.98 10.12
CA ALA B 215 -6.46 -19.07 9.79
C ALA B 215 -7.07 -19.57 11.10
N GLY B 216 -6.84 -20.84 11.45
CA GLY B 216 -7.25 -21.34 12.73
C GLY B 216 -6.33 -20.86 13.84
N PRO B 217 -6.66 -21.21 15.09
CA PRO B 217 -5.77 -20.87 16.20
C PRO B 217 -4.45 -21.57 16.04
N PRO B 218 -3.35 -20.95 16.49
CA PRO B 218 -2.02 -21.51 16.21
C PRO B 218 -1.85 -22.83 16.94
N ILE B 219 -1.15 -23.76 16.28
CA ILE B 219 -0.89 -25.07 16.84
C ILE B 219 0.49 -25.08 17.49
N LYS B 220 0.54 -25.57 18.74
CA LYS B 220 1.79 -25.65 19.49
C LYS B 220 2.67 -26.77 18.95
N ARG B 221 3.95 -26.46 18.77
CA ARG B 221 4.98 -27.42 18.44
C ARG B 221 6.11 -27.21 19.43
N GLU B 222 7.12 -28.08 19.35
CA GLU B 222 8.32 -27.88 20.16
C GLU B 222 9.13 -26.69 19.67
N ASP B 223 9.12 -26.43 18.36
CA ASP B 223 9.95 -25.38 17.78
C ASP B 223 9.22 -24.04 17.65
N GLY B 224 8.00 -23.91 18.20
CA GLY B 224 7.25 -22.67 18.11
C GLY B 224 5.78 -22.94 17.90
N TRP B 225 5.04 -21.90 17.51
CA TRP B 225 3.61 -22.01 17.23
C TRP B 225 3.39 -22.03 15.71
N LEU B 226 2.71 -23.06 15.21
CA LEU B 226 2.40 -23.12 13.80
C LEU B 226 1.26 -22.14 13.49
N LEU B 227 1.53 -21.15 12.65
CA LEU B 227 0.55 -20.10 12.36
C LEU B 227 0.21 -20.23 10.89
N ILE B 228 -0.83 -21.02 10.61
CA ILE B 228 -1.42 -20.99 9.29
C ILE B 228 -2.21 -19.70 9.13
N TYR B 229 -2.11 -19.08 7.97
CA TYR B 229 -2.83 -17.83 7.72
C TYR B 229 -3.35 -17.84 6.29
N HIS B 230 -4.20 -16.87 5.98
CA HIS B 230 -4.62 -16.69 4.59
C HIS B 230 -4.02 -15.39 4.05
N GLY B 231 -3.71 -15.41 2.78
CA GLY B 231 -3.19 -14.23 2.11
C GLY B 231 -4.05 -13.98 0.89
N VAL B 232 -4.24 -12.69 0.59
CA VAL B 232 -5.11 -12.27 -0.50
C VAL B 232 -4.25 -11.46 -1.48
N ASP B 233 -4.31 -11.82 -2.76
CA ASP B 233 -3.52 -11.10 -3.75
C ASP B 233 -4.34 -9.94 -4.31
N ASN B 234 -3.77 -9.25 -5.30
CA ASN B 234 -4.42 -8.08 -5.87
C ASN B 234 -5.75 -8.41 -6.54
N ASN B 235 -5.98 -9.67 -6.89
CA ASN B 235 -7.23 -10.04 -7.53
C ASN B 235 -8.22 -10.68 -6.57
N ASN B 236 -8.01 -10.50 -5.26
CA ASN B 236 -8.87 -11.04 -4.22
C ASN B 236 -8.88 -12.57 -4.20
N VAL B 237 -7.83 -13.22 -4.71
CA VAL B 237 -7.67 -14.65 -4.54
C VAL B 237 -7.17 -14.93 -3.13
N TYR B 238 -7.76 -15.92 -2.46
CA TYR B 238 -7.43 -16.29 -1.09
C TYR B 238 -6.66 -17.60 -1.09
N ARG B 239 -5.47 -17.58 -0.50
CA ARG B 239 -4.61 -18.76 -0.39
C ARG B 239 -4.18 -18.90 1.06
N LEU B 240 -3.73 -20.09 1.43
CA LEU B 240 -3.20 -20.31 2.77
C LEU B 240 -1.68 -20.29 2.70
N GLY B 241 -1.08 -19.63 3.68
CA GLY B 241 0.34 -19.70 3.93
C GLY B 241 0.59 -20.15 5.35
N VAL B 242 1.87 -20.18 5.72
CA VAL B 242 2.23 -20.72 7.02
C VAL B 242 3.48 -20.03 7.51
N ALA B 243 3.46 -19.72 8.80
CA ALA B 243 4.55 -19.11 9.53
C ALA B 243 4.73 -19.87 10.84
N LEU B 244 5.83 -19.56 11.52
CA LEU B 244 6.15 -20.14 12.82
C LEU B 244 6.41 -19.01 13.79
N LEU B 245 5.68 -18.99 14.90
CA LEU B 245 5.90 -17.97 15.92
C LEU B 245 6.78 -18.53 17.03
N ASP B 246 7.52 -17.63 17.69
CA ASP B 246 8.37 -18.05 18.80
C ASP B 246 7.54 -18.68 19.91
N LEU B 247 8.08 -19.74 20.51
CA LEU B 247 7.30 -20.53 21.46
C LEU B 247 6.93 -19.72 22.70
N LYS B 248 7.86 -18.93 23.23
CA LYS B 248 7.60 -18.21 24.46
C LYS B 248 7.07 -16.81 24.26
N ASP B 249 7.30 -16.22 23.10
CA ASP B 249 6.79 -14.90 22.73
C ASP B 249 6.17 -15.06 21.36
N PRO B 250 4.90 -15.53 21.31
CA PRO B 250 4.25 -15.71 20.00
C PRO B 250 4.01 -14.42 19.24
N SER B 251 4.35 -13.26 19.80
CA SER B 251 4.32 -12.04 19.01
C SER B 251 5.49 -11.92 18.04
N LYS B 252 6.48 -12.82 18.11
CA LYS B 252 7.65 -12.78 17.24
C LYS B 252 7.58 -13.92 16.23
N VAL B 253 7.65 -13.58 14.94
CA VAL B 253 7.68 -14.57 13.87
C VAL B 253 9.13 -14.99 13.66
N ILE B 254 9.39 -16.29 13.78
CA ILE B 254 10.76 -16.79 13.60
C ILE B 254 10.97 -17.46 12.25
N ALA B 255 9.89 -17.74 11.53
CA ALA B 255 10.00 -18.27 10.17
C ALA B 255 8.66 -18.05 9.48
N ARG B 256 8.72 -17.95 8.16
CA ARG B 256 7.54 -17.70 7.35
C ARG B 256 7.81 -18.25 5.96
N GLN B 257 7.02 -19.21 5.52
CA GLN B 257 7.24 -19.80 4.20
C GLN B 257 6.85 -18.80 3.11
N LYS B 258 7.64 -18.76 2.04
CA LYS B 258 7.41 -17.80 0.96
C LYS B 258 6.17 -18.16 0.15
N GLU B 259 6.05 -19.45 -0.23
CA GLU B 259 5.01 -20.03 -1.07
C GLU B 259 3.80 -20.44 -0.24
N PRO B 260 2.60 -20.39 -0.84
CA PRO B 260 1.41 -20.89 -0.16
C PRO B 260 1.46 -22.40 0.06
N ILE B 261 0.72 -22.85 1.07
CA ILE B 261 0.57 -24.28 1.32
C ILE B 261 -0.73 -24.84 0.73
N LEU B 262 -1.65 -23.99 0.30
CA LEU B 262 -2.88 -24.43 -0.33
C LEU B 262 -3.40 -23.27 -1.17
N GLU B 263 -3.90 -23.58 -2.35
CA GLU B 263 -4.43 -22.56 -3.26
C GLU B 263 -5.63 -23.15 -3.95
N PRO B 264 -6.54 -22.31 -4.43
CA PRO B 264 -7.67 -22.86 -5.20
C PRO B 264 -7.13 -23.54 -6.45
N GLU B 265 -7.59 -24.77 -6.67
CA GLU B 265 -7.18 -25.61 -7.79
C GLU B 265 -8.37 -26.41 -8.33
N LEU B 266 -9.18 -26.95 -7.43
CA LEU B 266 -10.32 -27.75 -7.86
C LEU B 266 -11.47 -26.85 -8.30
N ASP B 267 -12.34 -27.38 -9.16
CA ASP B 267 -13.39 -26.56 -9.72
C ASP B 267 -14.26 -25.92 -8.65
N TRP B 268 -14.49 -26.62 -7.54
CA TRP B 268 -15.34 -26.11 -6.47
C TRP B 268 -14.59 -25.29 -5.45
N GLU B 269 -13.29 -25.10 -5.63
CA GLU B 269 -12.52 -24.06 -4.96
C GLU B 269 -12.38 -22.80 -5.81
N ILE B 270 -12.33 -22.97 -7.13
CA ILE B 270 -12.20 -21.82 -8.03
C ILE B 270 -13.56 -21.20 -8.31
N ASN B 271 -14.57 -22.03 -8.57
CA ASN B 271 -15.91 -21.55 -8.87
C ASN B 271 -16.80 -21.74 -7.65
N GLY B 272 -17.76 -20.86 -7.49
CA GLY B 272 -18.66 -20.89 -6.34
C GLY B 272 -19.12 -19.48 -6.02
N LEU B 273 -19.72 -19.34 -4.84
CA LEU B 273 -20.32 -18.06 -4.44
C LEU B 273 -19.28 -16.96 -4.39
N VAL B 274 -18.07 -17.27 -3.95
CA VAL B 274 -16.98 -16.30 -4.02
C VAL B 274 -15.82 -17.01 -4.70
N PRO B 275 -15.52 -16.68 -5.96
CA PRO B 275 -14.51 -17.43 -6.72
C PRO B 275 -13.16 -17.35 -6.04
N ASN B 276 -12.32 -18.37 -6.31
CA ASN B 276 -10.90 -18.33 -5.98
C ASN B 276 -10.66 -18.14 -4.48
N VAL B 277 -11.24 -19.03 -3.67
CA VAL B 277 -11.01 -18.97 -2.22
C VAL B 277 -10.73 -20.36 -1.67
N VAL B 278 -9.62 -20.51 -0.96
CA VAL B 278 -9.46 -21.52 0.08
C VAL B 278 -9.20 -20.78 1.37
N PHE B 279 -9.90 -21.17 2.44
CA PHE B 279 -9.94 -20.41 3.69
C PHE B 279 -10.15 -21.36 4.87
N SER B 280 -9.25 -21.34 5.84
CA SER B 280 -9.32 -22.27 6.96
C SER B 280 -9.56 -21.51 8.26
N CYS B 281 -10.46 -22.04 9.09
CA CYS B 281 -10.75 -21.49 10.41
C CYS B 281 -10.40 -22.51 11.48
N GLY B 282 -9.84 -23.65 11.10
CA GLY B 282 -9.50 -24.67 12.05
C GLY B 282 -8.56 -25.72 11.51
N ALA B 283 -7.60 -26.12 12.32
CA ALA B 283 -6.73 -27.24 11.99
C ALA B 283 -6.35 -27.94 13.29
N VAL B 284 -6.27 -29.27 13.25
CA VAL B 284 -5.96 -30.04 14.45
C VAL B 284 -4.87 -31.05 14.15
N GLU B 285 -4.15 -31.44 15.19
CA GLU B 285 -3.13 -32.48 15.07
C GLU B 285 -3.75 -33.82 15.45
N VAL B 286 -3.69 -34.78 14.52
CA VAL B 286 -4.23 -36.12 14.72
C VAL B 286 -3.25 -37.11 14.12
N ASN B 287 -2.76 -38.06 14.92
CA ASN B 287 -1.84 -39.11 14.48
C ASN B 287 -0.66 -38.54 13.69
N ASP B 288 0.05 -37.60 14.30
CA ASP B 288 1.25 -37.01 13.69
C ASP B 288 0.99 -36.49 12.28
N MET B 289 -0.20 -35.93 12.10
CA MET B 289 -0.60 -35.24 10.88
C MET B 289 -1.40 -34.02 11.29
N TYR B 290 -1.31 -32.98 10.47
CA TYR B 290 -2.15 -31.80 10.66
C TYR B 290 -3.32 -31.91 9.69
N TYR B 291 -4.53 -31.83 10.24
CA TYR B 291 -5.75 -31.82 9.44
C TYR B 291 -6.22 -30.38 9.31
N VAL B 292 -6.27 -29.88 8.09
CA VAL B 292 -6.65 -28.50 7.80
C VAL B 292 -7.96 -28.52 7.04
N TYR B 293 -9.05 -28.12 7.72
CA TYR B 293 -10.35 -28.00 7.06
C TYR B 293 -10.45 -26.59 6.48
N TYR B 294 -11.06 -26.48 5.31
CA TYR B 294 -11.05 -25.18 4.66
C TYR B 294 -12.34 -24.96 3.89
N GLY B 295 -12.87 -23.74 3.96
CA GLY B 295 -13.87 -23.34 3.01
C GLY B 295 -13.28 -23.19 1.62
N ALA B 296 -14.11 -23.49 0.63
CA ALA B 296 -13.72 -23.46 -0.78
C ALA B 296 -14.75 -22.61 -1.50
N ALA B 297 -14.31 -21.52 -2.11
CA ALA B 297 -15.19 -20.62 -2.84
C ALA B 297 -16.37 -20.14 -1.99
N ASP B 298 -16.15 -20.04 -0.67
CA ASP B 298 -17.20 -19.66 0.29
C ASP B 298 -18.48 -20.46 0.06
N THR B 299 -18.34 -21.73 -0.37
CA THR B 299 -19.50 -22.56 -0.75
C THR B 299 -19.44 -23.96 -0.17
N HIS B 300 -18.28 -24.60 -0.15
CA HIS B 300 -18.13 -25.97 0.31
C HIS B 300 -17.01 -26.04 1.34
N ILE B 301 -16.85 -27.22 1.95
CA ILE B 301 -15.75 -27.51 2.87
C ILE B 301 -14.93 -28.66 2.32
N GLY B 302 -13.61 -28.49 2.32
CA GLY B 302 -12.68 -29.56 2.05
C GLY B 302 -11.78 -29.79 3.25
N VAL B 303 -10.93 -30.80 3.12
CA VAL B 303 -9.92 -31.11 4.14
C VAL B 303 -8.64 -31.46 3.43
N ALA B 304 -7.52 -30.96 3.95
CA ALA B 304 -6.22 -31.28 3.40
C ALA B 304 -5.27 -31.48 4.57
N VAL B 305 -4.21 -32.24 4.34
CA VAL B 305 -3.36 -32.67 5.44
C VAL B 305 -1.90 -32.43 5.08
N ILE B 306 -1.07 -32.45 6.10
CA ILE B 306 0.37 -32.52 5.98
C ILE B 306 0.87 -33.42 7.09
N GLU B 307 1.77 -34.34 6.76
CA GLU B 307 2.50 -35.04 7.81
C GLU B 307 3.31 -34.05 8.62
N LYS B 308 3.22 -34.18 9.95
CA LYS B 308 3.85 -33.23 10.84
C LYS B 308 5.36 -33.17 10.63
N GLU B 309 5.97 -34.29 10.26
CA GLU B 309 7.42 -34.32 10.06
C GLU B 309 7.85 -33.50 8.85
N LYS B 310 6.93 -33.20 7.93
CA LYS B 310 7.24 -32.42 6.74
C LYS B 310 7.17 -30.92 6.98
N VAL B 311 6.72 -30.48 8.15
CA VAL B 311 6.64 -29.05 8.45
C VAL B 311 8.03 -28.56 8.86
N LYS B 312 8.77 -28.04 7.88
CA LYS B 312 10.12 -27.56 8.08
C LYS B 312 10.26 -26.18 7.45
N PHE B 313 11.02 -25.31 8.12
CA PHE B 313 11.28 -23.98 7.59
C PHE B 313 12.78 -23.77 7.34
N ALA C 10 10.45 -30.89 -26.13
CA ALA C 10 9.00 -30.98 -26.07
C ALA C 10 8.36 -31.53 -27.33
N GLY C 11 7.04 -31.76 -27.27
CA GLY C 11 6.21 -32.15 -28.41
C GLY C 11 5.03 -31.18 -28.43
N MET C 12 5.29 -29.98 -28.91
CA MET C 12 4.38 -28.86 -28.87
C MET C 12 4.34 -28.17 -30.24
N PHE C 13 3.46 -27.19 -30.38
CA PHE C 13 3.40 -26.45 -31.64
C PHE C 13 3.46 -24.95 -31.39
N ARG C 14 3.72 -24.20 -32.45
CA ARG C 14 4.00 -22.78 -32.34
C ARG C 14 3.57 -22.09 -33.62
N LEU C 15 3.30 -20.80 -33.53
CA LEU C 15 3.01 -20.03 -34.73
C LEU C 15 4.31 -19.69 -35.46
N THR C 16 4.20 -19.49 -36.78
CA THR C 16 5.31 -19.02 -37.59
C THR C 16 4.95 -17.65 -38.13
N ARG C 17 5.75 -16.64 -37.80
CA ARG C 17 5.55 -15.31 -38.37
C ARG C 17 5.58 -15.38 -39.89
N LEU C 18 4.63 -14.69 -40.52
CA LEU C 18 4.58 -14.63 -41.97
C LEU C 18 5.61 -13.64 -42.51
N SER C 19 5.82 -12.54 -41.79
CA SER C 19 6.77 -11.54 -42.27
C SER C 19 7.61 -11.05 -41.10
N ASN C 20 8.82 -10.61 -41.42
CA ASN C 20 9.71 -10.10 -40.39
C ASN C 20 9.52 -8.61 -40.16
N LYS C 21 8.51 -8.02 -40.78
CA LYS C 21 8.20 -6.62 -40.57
C LYS C 21 6.70 -6.49 -40.35
N PRO C 22 6.26 -5.40 -39.72
CA PRO C 22 4.82 -5.23 -39.48
C PRO C 22 4.03 -5.23 -40.78
N ILE C 23 2.81 -5.76 -40.71
CA ILE C 23 1.89 -5.63 -41.83
C ILE C 23 1.07 -4.36 -41.74
N LEU C 24 1.04 -3.72 -40.57
CA LEU C 24 0.45 -2.39 -40.43
C LEU C 24 1.20 -1.63 -39.35
N SER C 25 1.44 -0.36 -39.63
CA SER C 25 2.16 0.54 -38.75
C SER C 25 1.35 1.82 -38.59
N PRO C 26 1.60 2.57 -37.52
CA PRO C 26 0.93 3.87 -37.39
C PRO C 26 1.31 4.80 -38.53
N ILE C 27 0.51 5.86 -38.68
CA ILE C 27 0.75 6.90 -39.69
C ILE C 27 0.74 8.23 -38.95
N LYS C 28 1.92 8.87 -38.87
CA LYS C 28 2.08 10.08 -38.05
C LYS C 28 1.16 11.21 -38.50
N GLU C 29 0.85 11.27 -39.80
CA GLU C 29 0.01 12.34 -40.31
C GLU C 29 -1.45 12.18 -39.95
N HIS C 30 -1.88 10.99 -39.49
CA HIS C 30 -3.26 10.76 -39.06
C HIS C 30 -3.30 10.80 -37.55
N GLU C 31 -3.89 11.85 -36.98
CA GLU C 31 -3.93 11.98 -35.52
C GLU C 31 -4.41 10.69 -34.87
N TRP C 32 -5.50 10.12 -35.42
CA TRP C 32 -6.18 9.02 -34.73
C TRP C 32 -5.36 7.73 -34.71
N GLU C 33 -4.41 7.56 -35.62
CA GLU C 33 -3.50 6.41 -35.60
C GLU C 33 -2.06 6.88 -35.63
N LYS C 34 -1.77 7.97 -34.89
CA LYS C 34 -0.44 8.60 -34.97
C LYS C 34 0.64 7.73 -34.33
N GLU C 35 0.33 7.05 -33.24
CA GLU C 35 1.36 6.36 -32.47
C GLU C 35 1.26 4.85 -32.49
N ALA C 36 0.09 4.27 -32.73
CA ALA C 36 -0.05 2.83 -32.57
C ALA C 36 -1.16 2.31 -33.46
N VAL C 37 -0.91 1.15 -34.07
CA VAL C 37 -1.97 0.32 -34.62
C VAL C 37 -1.72 -1.07 -34.07
N PHE C 38 -2.74 -1.69 -33.50
CA PHE C 38 -2.48 -2.95 -32.82
C PHE C 38 -3.80 -3.64 -32.52
N ASN C 39 -3.70 -4.78 -31.84
CA ASN C 39 -4.81 -5.56 -31.31
C ASN C 39 -6.02 -5.50 -32.22
N ALA C 40 -5.95 -6.23 -33.34
CA ALA C 40 -6.90 -6.10 -34.43
C ALA C 40 -7.81 -7.31 -34.51
N ALA C 41 -9.11 -7.06 -34.71
CA ALA C 41 -10.06 -8.09 -35.07
C ALA C 41 -9.91 -8.43 -36.54
N VAL C 42 -10.25 -9.66 -36.91
CA VAL C 42 -10.14 -10.08 -38.31
C VAL C 42 -11.32 -11.00 -38.66
N ILE C 43 -11.85 -10.78 -39.87
CA ILE C 43 -12.92 -11.59 -40.45
C ILE C 43 -12.53 -11.90 -41.89
N TYR C 44 -12.65 -13.17 -42.28
CA TYR C 44 -12.42 -13.59 -43.67
C TYR C 44 -13.77 -13.74 -44.36
N GLU C 45 -14.10 -12.77 -45.22
CA GLU C 45 -15.35 -12.76 -45.97
C GLU C 45 -15.05 -12.30 -47.39
N GLY C 46 -15.80 -12.84 -48.35
CA GLY C 46 -15.61 -12.46 -49.74
C GLY C 46 -14.20 -12.68 -50.23
N ASN C 47 -13.52 -13.71 -49.70
CA ASN C 47 -12.12 -14.02 -50.02
C ASN C 47 -11.19 -12.84 -49.72
N LYS C 48 -11.55 -12.05 -48.71
CA LYS C 48 -10.74 -10.94 -48.24
C LYS C 48 -10.58 -11.01 -46.73
N PHE C 49 -9.39 -10.66 -46.26
CA PHE C 49 -9.13 -10.40 -44.86
C PHE C 49 -9.65 -9.01 -44.51
N HIS C 50 -10.61 -8.95 -43.57
CA HIS C 50 -11.14 -7.69 -43.05
C HIS C 50 -10.59 -7.47 -41.65
N LEU C 51 -9.73 -6.48 -41.51
CA LEU C 51 -8.98 -6.24 -40.27
C LEU C 51 -9.49 -4.98 -39.61
N PHE C 52 -9.83 -5.08 -38.33
CA PHE C 52 -10.38 -3.95 -37.59
C PHE C 52 -9.42 -3.65 -36.45
N TYR C 53 -8.58 -2.64 -36.64
CA TYR C 53 -7.43 -2.48 -35.77
C TYR C 53 -7.67 -1.38 -34.76
N ARG C 54 -7.17 -1.59 -33.55
CA ARG C 54 -7.12 -0.54 -32.56
C ARG C 54 -6.01 0.45 -32.93
N ALA C 55 -6.31 1.73 -32.85
CA ALA C 55 -5.36 2.77 -33.20
C ALA C 55 -5.32 3.81 -32.09
N SER C 56 -4.13 4.31 -31.80
CA SER C 56 -3.94 5.26 -30.72
C SER C 56 -3.29 6.52 -31.23
N ASN C 57 -3.77 7.65 -30.72
CA ASN C 57 -3.21 8.95 -31.03
C ASN C 57 -1.99 9.29 -30.18
N ASN C 58 -1.64 8.43 -29.21
CA ASN C 58 -0.68 8.83 -28.21
C ASN C 58 0.02 7.61 -27.65
N LYS C 59 1.17 7.86 -27.01
CA LYS C 59 1.86 6.86 -26.20
C LYS C 59 1.00 6.52 -24.99
N PHE C 60 1.44 5.51 -24.25
CA PHE C 60 0.66 4.96 -23.15
C PHE C 60 1.46 5.13 -21.87
N VAL C 61 1.24 6.25 -21.19
CA VAL C 61 1.74 6.40 -19.84
C VAL C 61 0.75 5.68 -18.93
N LEU C 62 1.21 4.60 -18.32
CA LEU C 62 0.36 3.75 -17.50
C LEU C 62 0.76 3.72 -16.04
N ASN C 63 1.86 4.39 -15.66
CA ASN C 63 2.39 4.24 -14.32
C ASN C 63 1.89 5.28 -13.33
N THR C 64 1.06 6.22 -13.76
CA THR C 64 0.46 7.18 -12.84
C THR C 64 -0.57 6.50 -11.93
N GLU C 65 -0.78 7.12 -10.76
CA GLU C 65 -1.71 6.50 -9.82
C GLU C 65 -3.14 6.49 -10.37
N LYS C 66 -3.51 7.53 -11.10
CA LYS C 66 -4.77 7.67 -11.80
C LYS C 66 -4.49 8.02 -13.26
N PRO C 67 -5.42 7.72 -14.16
CA PRO C 67 -5.29 8.24 -15.53
C PRO C 67 -5.36 9.76 -15.53
N GLU C 68 -4.32 10.38 -16.06
CA GLU C 68 -4.17 11.84 -16.07
C GLU C 68 -4.50 12.39 -17.44
N GLU C 69 -5.32 13.43 -17.46
CA GLU C 69 -5.71 14.05 -18.72
C GLU C 69 -4.51 14.51 -19.54
N LYS C 70 -3.43 14.92 -18.88
CA LYS C 70 -2.23 15.30 -19.62
C LYS C 70 -1.59 14.11 -20.34
N TYR C 71 -1.86 12.88 -19.89
CA TYR C 71 -1.37 11.68 -20.55
C TYR C 71 -2.49 10.91 -21.25
N LYS C 72 -3.59 11.58 -21.56
CA LYS C 72 -4.73 10.90 -22.17
C LYS C 72 -4.31 10.29 -23.50
N PHE C 73 -4.69 9.04 -23.71
CA PHE C 73 -4.61 8.44 -25.03
C PHE C 73 -6.02 8.09 -25.44
N VAL C 74 -6.26 8.09 -26.76
CA VAL C 74 -7.58 7.83 -27.32
C VAL C 74 -7.42 6.71 -28.33
N SER C 75 -8.15 5.62 -28.12
CA SER C 75 -8.14 4.50 -29.05
C SER C 75 -9.32 4.62 -30.02
N SER C 76 -9.04 4.43 -31.30
CA SER C 76 -10.04 4.31 -32.34
C SER C 76 -9.91 2.93 -32.96
N ILE C 77 -10.89 2.55 -33.78
CA ILE C 77 -10.85 1.30 -34.50
C ILE C 77 -10.86 1.60 -35.98
N GLY C 78 -9.78 1.19 -36.67
CA GLY C 78 -9.65 1.40 -38.09
C GLY C 78 -9.99 0.16 -38.91
N TYR C 79 -10.16 0.36 -40.21
CA TYR C 79 -10.43 -0.73 -41.13
C TYR C 79 -9.31 -0.85 -42.14
N ALA C 80 -8.89 -2.07 -42.39
CA ALA C 80 -7.95 -2.39 -43.47
C ALA C 80 -8.43 -3.66 -44.13
N VAL C 81 -8.10 -3.85 -45.40
CA VAL C 81 -8.60 -5.00 -46.15
C VAL C 81 -7.48 -5.58 -47.00
N SER C 82 -7.41 -6.91 -47.07
CA SER C 82 -6.35 -7.58 -47.79
C SER C 82 -6.87 -8.81 -48.51
N GLU C 83 -6.26 -9.11 -49.65
CA GLU C 83 -6.54 -10.36 -50.36
C GLU C 83 -5.57 -11.48 -49.98
N ASP C 84 -4.30 -11.15 -49.74
CA ASP C 84 -3.30 -12.16 -49.41
C ASP C 84 -3.05 -12.27 -47.92
N GLY C 85 -3.70 -11.44 -47.10
CA GLY C 85 -3.46 -11.46 -45.68
C GLY C 85 -2.20 -10.77 -45.22
N ILE C 86 -1.40 -10.23 -46.14
CA ILE C 86 -0.12 -9.60 -45.84
C ILE C 86 -0.14 -8.12 -46.19
N ASN C 87 -0.62 -7.79 -47.39
CA ASN C 87 -0.61 -6.43 -47.88
C ASN C 87 -2.02 -5.86 -47.76
N PHE C 88 -2.15 -4.77 -47.01
CA PHE C 88 -3.45 -4.23 -46.63
C PHE C 88 -3.65 -2.85 -47.21
N GLU C 89 -4.87 -2.61 -47.72
CA GLU C 89 -5.33 -1.27 -48.05
C GLU C 89 -5.97 -0.66 -46.81
N ARG C 90 -5.72 0.63 -46.56
CA ARG C 90 -6.19 1.33 -45.37
C ARG C 90 -6.88 2.62 -45.77
N PHE C 91 -7.43 3.33 -44.79
CA PHE C 91 -8.31 4.45 -45.06
C PHE C 91 -8.00 5.63 -44.14
N ASP C 92 -8.47 6.81 -44.59
CA ASP C 92 -8.16 8.08 -43.93
C ASP C 92 -8.70 8.14 -42.51
N LYS C 93 -9.85 7.51 -42.26
CA LYS C 93 -10.61 7.77 -41.05
C LYS C 93 -10.95 6.47 -40.34
N PRO C 94 -11.04 6.48 -39.02
CA PRO C 94 -11.47 5.28 -38.31
C PRO C 94 -12.93 4.98 -38.60
N VAL C 95 -13.30 3.72 -38.41
CA VAL C 95 -14.70 3.32 -38.62
C VAL C 95 -15.50 3.39 -37.33
N LEU C 96 -14.84 3.31 -36.17
CA LEU C 96 -15.49 3.46 -34.87
C LEU C 96 -14.61 4.29 -33.97
N VAL C 97 -15.23 5.22 -33.25
CA VAL C 97 -14.54 6.02 -32.25
C VAL C 97 -15.29 5.88 -30.94
N GLY C 98 -14.62 6.25 -29.85
CA GLY C 98 -15.27 6.28 -28.57
C GLY C 98 -16.25 7.45 -28.50
N GLU C 99 -17.49 7.16 -28.13
CA GLU C 99 -18.45 8.22 -27.93
C GLU C 99 -18.09 9.00 -26.67
N ILE C 100 -18.11 10.33 -26.77
CA ILE C 100 -17.62 11.17 -25.69
C ILE C 100 -18.82 11.55 -24.83
N PRO C 101 -18.76 11.36 -23.51
CA PRO C 101 -17.58 10.96 -22.73
C PRO C 101 -17.57 9.53 -22.18
N GLN C 102 -18.63 8.75 -22.42
CA GLN C 102 -18.68 7.41 -21.84
C GLN C 102 -17.52 6.52 -22.31
N GLU C 103 -17.02 6.75 -23.53
CA GLU C 103 -15.83 6.05 -24.04
C GLU C 103 -14.75 7.09 -24.36
N ALA C 104 -14.48 7.99 -23.41
CA ALA C 104 -13.71 9.19 -23.74
C ALA C 104 -12.29 8.85 -24.19
N TRP C 105 -11.68 7.83 -23.59
CA TRP C 105 -10.34 7.39 -24.01
C TRP C 105 -10.39 6.32 -25.09
N GLY C 106 -11.55 6.05 -25.65
CA GLY C 106 -11.68 5.33 -26.89
C GLY C 106 -12.18 3.91 -26.73
N VAL C 107 -11.91 3.12 -27.76
CA VAL C 107 -12.48 1.78 -27.90
C VAL C 107 -11.35 0.83 -28.29
N GLU C 108 -11.24 -0.29 -27.58
CA GLU C 108 -10.00 -1.06 -27.56
C GLU C 108 -10.25 -2.52 -27.92
N ASP C 109 -9.23 -3.13 -28.53
CA ASP C 109 -9.13 -4.58 -28.68
C ASP C 109 -10.41 -5.26 -29.17
N PRO C 110 -10.91 -4.88 -30.35
CA PRO C 110 -12.15 -5.49 -30.85
C PRO C 110 -11.96 -6.97 -31.14
N ARG C 111 -13.01 -7.76 -30.85
CA ARG C 111 -13.15 -9.15 -31.26
C ARG C 111 -14.45 -9.27 -32.02
N ILE C 112 -14.39 -9.82 -33.23
CA ILE C 112 -15.55 -9.88 -34.11
C ILE C 112 -15.94 -11.33 -34.31
N THR C 113 -17.22 -11.62 -34.16
CA THR C 113 -17.77 -12.96 -34.31
C THR C 113 -18.97 -12.88 -35.24
N LYS C 114 -18.99 -13.76 -36.24
CA LYS C 114 -20.16 -13.90 -37.10
C LYS C 114 -21.09 -14.97 -36.54
N ILE C 115 -22.35 -14.61 -36.36
CA ILE C 115 -23.40 -15.56 -35.96
C ILE C 115 -24.61 -15.31 -36.85
N ASP C 116 -25.06 -16.33 -37.57
CA ASP C 116 -26.28 -16.27 -38.41
C ASP C 116 -26.31 -15.01 -39.30
N ASN C 117 -25.21 -14.78 -40.00
CA ASN C 117 -25.10 -13.70 -40.98
C ASN C 117 -25.10 -12.33 -40.34
N LYS C 118 -24.92 -12.24 -39.02
CA LYS C 118 -24.64 -10.98 -38.35
C LYS C 118 -23.21 -10.99 -37.80
N TYR C 119 -22.61 -9.81 -37.77
CA TYR C 119 -21.27 -9.65 -37.22
C TYR C 119 -21.37 -8.88 -35.92
N TYR C 120 -20.70 -9.38 -34.88
CA TYR C 120 -20.73 -8.81 -33.54
C TYR C 120 -19.33 -8.40 -33.14
N MET C 121 -19.12 -7.12 -32.87
CA MET C 121 -17.82 -6.62 -32.47
C MET C 121 -17.85 -6.30 -30.98
N LEU C 122 -17.08 -7.05 -30.20
CA LEU C 122 -16.96 -6.79 -28.77
C LEU C 122 -15.65 -6.03 -28.54
N TYR C 123 -15.74 -4.90 -27.83
CA TYR C 123 -14.55 -4.09 -27.59
C TYR C 123 -14.60 -3.57 -26.18
N THR C 124 -13.47 -3.04 -25.72
CA THR C 124 -13.39 -2.42 -24.41
C THR C 124 -13.60 -0.92 -24.57
N GLY C 125 -14.65 -0.40 -23.92
CA GLY C 125 -14.84 1.04 -23.82
C GLY C 125 -14.13 1.56 -22.59
N PHE C 126 -13.30 2.59 -22.79
CA PHE C 126 -12.45 3.13 -21.72
C PHE C 126 -12.83 4.58 -21.53
N GLY C 127 -13.43 4.90 -20.38
CA GLY C 127 -13.80 6.27 -20.07
C GLY C 127 -12.67 7.11 -19.49
N GLY C 128 -11.60 6.47 -19.00
CA GLY C 128 -10.46 7.20 -18.48
C GLY C 128 -10.66 7.88 -17.14
N ARG C 129 -11.78 7.66 -16.45
CA ARG C 129 -11.98 8.40 -15.20
C ARG C 129 -11.21 7.78 -14.05
N ASP C 130 -10.90 6.49 -14.13
CA ASP C 130 -9.99 5.81 -13.21
C ASP C 130 -9.49 4.59 -13.97
N TRP C 131 -8.60 3.84 -13.36
CA TRP C 131 -8.00 2.72 -14.08
C TRP C 131 -8.96 1.52 -14.19
N LEU C 132 -10.07 1.53 -13.45
CA LEU C 132 -11.13 0.53 -13.59
C LEU C 132 -12.27 1.00 -14.47
N ASP C 133 -12.13 2.16 -15.10
CA ASP C 133 -13.23 2.77 -15.85
C ASP C 133 -13.30 2.20 -17.28
N PHE C 134 -13.43 0.87 -17.36
CA PHE C 134 -13.53 0.20 -18.65
C PHE C 134 -14.64 -0.86 -18.58
N ARG C 135 -15.18 -1.19 -19.75
CA ARG C 135 -16.23 -2.20 -19.81
C ARG C 135 -16.26 -2.81 -21.20
N ILE C 136 -16.81 -4.02 -21.27
CA ILE C 136 -17.11 -4.67 -22.54
C ILE C 136 -18.31 -3.99 -23.19
N CYS C 137 -18.12 -3.49 -24.39
CA CYS C 137 -19.23 -2.99 -25.18
C CYS C 137 -19.36 -3.85 -26.44
N MET C 138 -20.53 -3.74 -27.06
CA MET C 138 -20.86 -4.54 -28.23
C MET C 138 -21.63 -3.69 -29.22
N VAL C 139 -21.20 -3.72 -30.48
CA VAL C 139 -22.01 -3.28 -31.60
C VAL C 139 -22.12 -4.45 -32.56
N TRP C 140 -23.01 -4.31 -33.55
CA TRP C 140 -23.17 -5.38 -34.53
C TRP C 140 -23.52 -4.77 -35.88
N SER C 141 -23.43 -5.61 -36.92
CA SER C 141 -23.74 -5.17 -38.28
C SER C 141 -24.10 -6.36 -39.15
N ASP C 142 -24.74 -6.07 -40.29
CA ASP C 142 -25.05 -7.05 -41.31
C ASP C 142 -23.94 -7.17 -42.34
N ASP C 143 -23.08 -6.16 -42.45
CA ASP C 143 -22.23 -6.03 -43.62
C ASP C 143 -20.80 -5.63 -43.29
N LEU C 144 -20.38 -5.70 -42.03
CA LEU C 144 -19.07 -5.24 -41.56
C LEU C 144 -18.82 -3.76 -41.81
N LYS C 145 -19.86 -2.99 -42.17
CA LYS C 145 -19.71 -1.58 -42.48
C LYS C 145 -20.56 -0.68 -41.60
N ASN C 146 -21.81 -1.03 -41.37
CA ASN C 146 -22.74 -0.14 -40.67
C ASN C 146 -22.98 -0.73 -39.29
N TRP C 147 -22.07 -0.42 -38.38
CA TRP C 147 -22.16 -0.86 -37.00
C TRP C 147 -23.25 -0.09 -36.28
N LYS C 148 -23.93 -0.77 -35.35
CA LYS C 148 -25.10 -0.20 -34.71
C LYS C 148 -25.39 -1.00 -33.46
N GLY C 149 -26.40 -0.57 -32.71
CA GLY C 149 -26.87 -1.36 -31.58
C GLY C 149 -25.97 -1.39 -30.38
N HIS C 150 -25.11 -0.39 -30.20
CA HIS C 150 -24.17 -0.35 -29.09
C HIS C 150 -24.86 -0.68 -27.77
N ARG C 151 -24.16 -1.46 -26.94
CA ARG C 151 -24.64 -1.75 -25.61
C ARG C 151 -23.44 -2.08 -24.74
N ILE C 152 -23.59 -1.86 -23.44
CA ILE C 152 -22.63 -2.34 -22.47
C ILE C 152 -23.00 -3.79 -22.16
N VAL C 153 -22.08 -4.70 -22.45
CA VAL C 153 -22.35 -6.14 -22.33
C VAL C 153 -22.49 -6.53 -20.86
N LEU C 154 -21.50 -6.18 -20.06
CA LEU C 154 -21.56 -6.37 -18.62
C LEU C 154 -21.21 -5.05 -17.97
N ASP C 155 -22.00 -4.68 -16.97
CA ASP C 155 -21.78 -3.47 -16.20
C ASP C 155 -20.83 -3.78 -15.06
N GLU C 156 -19.56 -3.81 -15.38
CA GLU C 156 -18.50 -4.16 -14.46
C GLU C 156 -17.18 -3.94 -15.15
N PRO C 157 -16.09 -3.75 -14.41
CA PRO C 157 -14.77 -3.65 -15.04
C PRO C 157 -14.41 -5.01 -15.63
N ASN C 158 -14.21 -5.05 -16.95
CA ASN C 158 -14.10 -6.32 -17.62
C ASN C 158 -13.68 -6.03 -19.05
N LYS C 159 -12.99 -6.99 -19.66
CA LYS C 159 -12.45 -6.84 -21.01
C LYS C 159 -12.14 -8.25 -21.52
N ASP C 160 -11.32 -8.33 -22.59
CA ASP C 160 -10.93 -9.62 -23.18
C ASP C 160 -12.17 -10.48 -23.47
N ALA C 161 -13.11 -9.92 -24.19
CA ALA C 161 -14.41 -10.53 -24.37
C ALA C 161 -14.62 -10.94 -25.84
N ALA C 162 -15.26 -12.08 -26.03
CA ALA C 162 -15.62 -12.55 -27.37
C ALA C 162 -16.89 -13.39 -27.28
N LEU C 163 -17.69 -13.34 -28.34
CA LEU C 163 -18.81 -14.25 -28.52
C LEU C 163 -18.37 -15.51 -29.27
N LEU C 164 -18.97 -16.64 -28.91
CA LEU C 164 -18.85 -17.86 -29.71
C LEU C 164 -19.66 -17.69 -31.00
N SER C 165 -19.16 -18.32 -32.08
CA SER C 165 -19.78 -18.16 -33.40
C SER C 165 -21.06 -18.95 -33.59
N GLU C 166 -21.44 -19.83 -32.65
CA GLU C 166 -22.79 -20.39 -32.67
C GLU C 166 -23.34 -20.51 -31.26
N LYS C 167 -24.64 -20.78 -31.20
CA LYS C 167 -25.32 -21.01 -29.94
C LYS C 167 -25.04 -22.42 -29.43
N ILE C 168 -25.12 -22.58 -28.11
CA ILE C 168 -24.97 -23.88 -27.46
C ILE C 168 -26.26 -24.15 -26.70
N ASN C 169 -26.99 -25.18 -27.12
CA ASN C 169 -28.32 -25.48 -26.57
C ASN C 169 -29.20 -24.24 -26.57
N GLY C 170 -29.24 -23.56 -27.71
CA GLY C 170 -30.04 -22.36 -27.86
C GLY C 170 -29.55 -21.14 -27.10
N LYS C 171 -28.32 -21.15 -26.58
CA LYS C 171 -27.80 -20.01 -25.83
C LYS C 171 -26.62 -19.37 -26.55
N TYR C 172 -26.60 -18.05 -26.60
CA TYR C 172 -25.37 -17.33 -26.92
C TYR C 172 -24.30 -17.59 -25.87
N VAL C 173 -23.05 -17.55 -26.29
CA VAL C 173 -21.93 -17.85 -25.39
C VAL C 173 -20.97 -16.65 -25.40
N LEU C 174 -20.69 -16.13 -24.21
CA LEU C 174 -19.79 -15.02 -24.01
C LEU C 174 -18.57 -15.49 -23.24
N PHE C 175 -17.39 -15.16 -23.74
CA PHE C 175 -16.16 -15.33 -22.99
C PHE C 175 -15.77 -13.96 -22.47
N HIS C 176 -15.35 -13.90 -21.20
CA HIS C 176 -14.94 -12.62 -20.67
C HIS C 176 -13.85 -12.85 -19.62
N ARG C 177 -13.55 -11.82 -18.84
CA ARG C 177 -12.31 -11.84 -18.09
C ARG C 177 -12.45 -10.96 -16.84
N ARG C 178 -13.23 -11.42 -15.88
CA ARG C 178 -13.06 -10.93 -14.52
C ARG C 178 -11.67 -11.36 -14.06
N MET C 179 -10.87 -10.39 -13.65
CA MET C 179 -9.47 -10.63 -13.33
C MET C 179 -9.35 -11.78 -12.33
N PRO C 180 -8.40 -12.72 -12.53
CA PRO C 180 -7.43 -12.86 -13.62
C PRO C 180 -7.74 -13.99 -14.61
N ASP C 181 -8.96 -14.49 -14.63
CA ASP C 181 -9.28 -15.74 -15.28
C ASP C 181 -10.07 -15.54 -16.56
N ILE C 182 -10.15 -16.58 -17.38
CA ILE C 182 -11.09 -16.58 -18.50
C ILE C 182 -12.44 -17.11 -18.01
N TRP C 183 -13.48 -16.32 -18.20
CA TRP C 183 -14.84 -16.66 -17.81
C TRP C 183 -15.72 -16.93 -19.02
N ILE C 184 -16.78 -17.69 -18.78
CA ILE C 184 -17.81 -17.96 -19.76
C ILE C 184 -19.16 -17.57 -19.16
N ALA C 185 -20.11 -17.27 -20.04
CA ALA C 185 -21.45 -16.89 -19.61
C ALA C 185 -22.41 -17.12 -20.78
N TYR C 186 -23.70 -17.18 -20.48
CA TYR C 186 -24.70 -17.57 -21.46
C TYR C 186 -25.81 -16.54 -21.52
N SER C 187 -26.41 -16.39 -22.70
CA SER C 187 -27.50 -15.44 -22.87
C SER C 187 -28.56 -15.99 -23.83
N ASP C 188 -29.79 -15.53 -23.62
CA ASP C 188 -30.88 -15.80 -24.54
C ASP C 188 -31.15 -14.64 -25.48
N ASP C 189 -30.73 -13.43 -25.13
CA ASP C 189 -31.13 -12.22 -25.82
C ASP C 189 -29.97 -11.30 -26.20
N LEU C 190 -28.73 -11.69 -25.95
CA LEU C 190 -27.54 -10.87 -26.16
C LEU C 190 -27.58 -9.57 -25.34
N VAL C 191 -28.33 -9.58 -24.24
CA VAL C 191 -28.45 -8.42 -23.36
C VAL C 191 -28.13 -8.84 -21.92
N ASN C 192 -28.74 -9.94 -21.49
CA ASN C 192 -28.59 -10.47 -20.13
C ASN C 192 -27.77 -11.74 -20.16
N TRP C 193 -26.80 -11.83 -19.26
CA TRP C 193 -25.90 -12.97 -19.19
C TRP C 193 -26.06 -13.60 -17.82
N TYR C 194 -25.99 -14.93 -17.78
CA TYR C 194 -26.19 -15.67 -16.55
C TYR C 194 -25.29 -16.90 -16.58
N ASN C 195 -25.23 -17.58 -15.43
CA ASN C 195 -24.42 -18.79 -15.27
C ASN C 195 -22.95 -18.53 -15.58
N HIS C 196 -22.45 -17.38 -15.13
CA HIS C 196 -21.03 -17.06 -15.17
C HIS C 196 -20.22 -18.15 -14.49
N LYS C 197 -19.13 -18.57 -15.15
CA LYS C 197 -18.25 -19.58 -14.59
C LYS C 197 -16.83 -19.33 -15.08
N ILE C 198 -15.84 -19.53 -14.20
CA ILE C 198 -14.44 -19.56 -14.62
C ILE C 198 -14.16 -20.85 -15.36
N ILE C 199 -13.50 -20.76 -16.52
CA ILE C 199 -13.15 -21.95 -17.30
C ILE C 199 -11.65 -22.19 -17.41
N MET C 200 -10.81 -21.18 -17.19
CA MET C 200 -9.38 -21.37 -17.24
C MET C 200 -8.70 -20.29 -16.41
N SER C 201 -7.62 -20.67 -15.75
CA SER C 201 -6.94 -19.80 -14.80
C SER C 201 -5.46 -19.68 -15.14
N PRO C 202 -4.79 -18.63 -14.65
CA PRO C 202 -3.33 -18.54 -14.84
C PRO C 202 -2.66 -19.66 -14.06
N LYS C 203 -1.38 -19.88 -14.37
CA LYS C 203 -0.57 -20.88 -13.70
C LYS C 203 0.63 -20.22 -13.03
N SER C 204 0.74 -20.40 -11.72
CA SER C 204 1.79 -19.77 -10.93
C SER C 204 3.17 -20.20 -11.41
N HIS C 205 4.12 -19.27 -11.32
CA HIS C 205 5.53 -19.53 -11.62
C HIS C 205 5.73 -20.01 -13.05
N THR C 206 4.96 -19.45 -13.98
CA THR C 206 5.11 -19.74 -15.41
C THR C 206 5.02 -18.42 -16.16
N TRP C 207 5.12 -18.53 -17.49
CA TRP C 207 4.91 -17.39 -18.38
C TRP C 207 3.49 -16.85 -18.32
N GLU C 208 2.54 -17.63 -17.81
CA GLU C 208 1.14 -17.21 -17.79
C GLU C 208 0.67 -17.10 -16.33
N SER C 209 1.46 -16.43 -15.49
CA SER C 209 1.22 -16.46 -14.05
C SER C 209 0.37 -15.30 -13.55
N LYS C 210 0.49 -14.11 -14.14
CA LYS C 210 -0.23 -12.99 -13.55
C LYS C 210 -1.71 -13.02 -13.92
N LYS C 211 -2.02 -13.21 -15.20
CA LYS C 211 -3.40 -13.22 -15.64
C LYS C 211 -3.41 -13.81 -17.03
N ILE C 212 -4.60 -14.22 -17.45
CA ILE C 212 -4.82 -14.68 -18.82
C ILE C 212 -6.11 -14.04 -19.31
N GLY C 213 -6.29 -14.07 -20.63
CA GLY C 213 -7.53 -13.66 -21.25
C GLY C 213 -7.63 -14.23 -22.64
N ILE C 214 -8.86 -14.30 -23.17
CA ILE C 214 -9.03 -14.84 -24.50
C ILE C 214 -8.30 -13.96 -25.52
N ALA C 215 -7.80 -14.59 -26.58
CA ALA C 215 -7.28 -13.83 -27.71
C ALA C 215 -8.43 -13.51 -28.64
N GLY C 216 -8.45 -14.10 -29.84
CA GLY C 216 -9.60 -13.97 -30.70
C GLY C 216 -10.70 -14.93 -30.29
N PRO C 217 -11.84 -14.81 -30.94
CA PRO C 217 -12.95 -15.74 -30.70
C PRO C 217 -12.54 -17.17 -31.07
N PRO C 218 -13.02 -18.16 -30.33
CA PRO C 218 -12.56 -19.54 -30.58
C PRO C 218 -12.89 -19.97 -32.00
N ILE C 219 -12.01 -20.77 -32.58
CA ILE C 219 -12.18 -21.25 -33.94
C ILE C 219 -12.71 -22.68 -33.86
N LYS C 220 -13.80 -22.94 -34.58
CA LYS C 220 -14.38 -24.27 -34.57
C LYS C 220 -13.47 -25.25 -35.29
N ARG C 221 -13.29 -26.41 -34.68
CA ARG C 221 -12.61 -27.55 -35.28
C ARG C 221 -13.52 -28.78 -35.14
N GLU C 222 -13.07 -29.89 -35.73
CA GLU C 222 -13.75 -31.17 -35.54
C GLU C 222 -13.56 -31.69 -34.12
N ASP C 223 -12.40 -31.40 -33.52
CA ASP C 223 -12.06 -31.94 -32.21
C ASP C 223 -12.37 -30.97 -31.07
N GLY C 224 -13.00 -29.85 -31.35
CA GLY C 224 -13.27 -28.90 -30.30
C GLY C 224 -13.17 -27.49 -30.81
N TRP C 225 -13.12 -26.55 -29.88
CA TRP C 225 -12.95 -25.14 -30.18
C TRP C 225 -11.51 -24.74 -29.85
N LEU C 226 -10.81 -24.18 -30.85
CA LEU C 226 -9.46 -23.70 -30.64
C LEU C 226 -9.51 -22.39 -29.88
N LEU C 227 -8.87 -22.35 -28.72
CA LEU C 227 -8.87 -21.17 -27.86
C LEU C 227 -7.45 -20.65 -27.74
N ILE C 228 -7.05 -19.81 -28.69
CA ILE C 228 -5.85 -19.02 -28.49
C ILE C 228 -6.14 -18.00 -27.38
N TYR C 229 -5.17 -17.78 -26.51
CA TYR C 229 -5.33 -16.82 -25.43
C TYR C 229 -3.99 -16.12 -25.20
N HIS C 230 -4.01 -15.03 -24.44
CA HIS C 230 -2.75 -14.43 -24.01
C HIS C 230 -2.53 -14.71 -22.55
N GLY C 231 -1.25 -14.88 -22.20
CA GLY C 231 -0.84 -15.05 -20.82
C GLY C 231 0.17 -13.98 -20.49
N VAL C 232 0.15 -13.52 -19.25
CA VAL C 232 0.98 -12.42 -18.79
C VAL C 232 1.83 -12.92 -17.64
N ASP C 233 3.15 -12.72 -17.72
CA ASP C 233 4.01 -13.22 -16.66
C ASP C 233 4.18 -12.15 -15.57
N ASN C 234 5.03 -12.43 -14.59
CA ASN C 234 5.16 -11.56 -13.43
C ASN C 234 5.75 -10.19 -13.79
N ASN C 235 6.41 -10.08 -14.94
CA ASN C 235 6.98 -8.82 -15.42
C ASN C 235 6.15 -8.23 -16.56
N ASN C 236 4.91 -8.68 -16.73
CA ASN C 236 3.97 -8.11 -17.68
C ASN C 236 4.39 -8.31 -19.12
N VAL C 237 5.10 -9.40 -19.39
CA VAL C 237 5.31 -9.84 -20.75
C VAL C 237 4.03 -10.52 -21.23
N TYR C 238 3.56 -10.16 -22.42
CA TYR C 238 2.39 -10.78 -23.02
C TYR C 238 2.84 -11.81 -24.05
N ARG C 239 2.39 -13.05 -23.89
CA ARG C 239 2.62 -14.14 -24.83
C ARG C 239 1.29 -14.78 -25.18
N LEU C 240 1.27 -15.53 -26.28
CA LEU C 240 0.06 -16.25 -26.70
C LEU C 240 0.20 -17.73 -26.39
N GLY C 241 -0.88 -18.31 -25.86
CA GLY C 241 -0.99 -19.74 -25.66
C GLY C 241 -2.18 -20.28 -26.44
N VAL C 242 -2.39 -21.60 -26.32
CA VAL C 242 -3.53 -22.26 -26.94
C VAL C 242 -4.11 -23.30 -25.99
N ALA C 243 -5.42 -23.43 -26.04
CA ALA C 243 -6.13 -24.50 -25.38
C ALA C 243 -7.19 -25.00 -26.35
N LEU C 244 -7.81 -26.11 -25.99
CA LEU C 244 -8.90 -26.68 -26.79
C LEU C 244 -10.12 -26.85 -25.90
N LEU C 245 -11.27 -26.35 -26.37
CA LEU C 245 -12.51 -26.47 -25.63
C LEU C 245 -13.36 -27.61 -26.20
N ASP C 246 -14.08 -28.31 -25.31
CA ASP C 246 -14.99 -29.36 -25.77
C ASP C 246 -15.99 -28.79 -26.77
N LEU C 247 -16.19 -29.50 -27.87
CA LEU C 247 -17.03 -28.99 -28.95
C LEU C 247 -18.46 -28.75 -28.48
N LYS C 248 -19.03 -29.69 -27.71
CA LYS C 248 -20.42 -29.55 -27.28
C LYS C 248 -20.56 -28.70 -26.03
N ASP C 249 -19.57 -28.69 -25.16
CA ASP C 249 -19.58 -27.87 -23.95
C ASP C 249 -18.31 -27.04 -23.91
N PRO C 250 -18.33 -25.85 -24.51
CA PRO C 250 -17.11 -25.01 -24.54
C PRO C 250 -16.70 -24.47 -23.20
N SER C 251 -17.44 -24.73 -22.12
CA SER C 251 -16.97 -24.38 -20.79
C SER C 251 -15.92 -25.36 -20.28
N LYS C 252 -15.74 -26.51 -20.93
CA LYS C 252 -14.76 -27.49 -20.50
C LYS C 252 -13.52 -27.41 -21.40
N VAL C 253 -12.36 -27.20 -20.77
CA VAL C 253 -11.08 -27.22 -21.45
C VAL C 253 -10.60 -28.67 -21.50
N ILE C 254 -10.45 -29.22 -22.71
CA ILE C 254 -9.99 -30.60 -22.82
C ILE C 254 -8.52 -30.70 -23.15
N ALA C 255 -7.86 -29.60 -23.49
CA ALA C 255 -6.43 -29.62 -23.71
C ALA C 255 -5.91 -28.19 -23.56
N ARG C 256 -4.65 -28.09 -23.18
CA ARG C 256 -4.00 -26.80 -23.00
C ARG C 256 -2.50 -27.00 -23.13
N GLN C 257 -1.89 -26.34 -24.09
CA GLN C 257 -0.46 -26.49 -24.28
C GLN C 257 0.29 -25.74 -23.20
N LYS C 258 1.34 -26.38 -22.67
CA LYS C 258 2.13 -25.79 -21.59
C LYS C 258 2.92 -24.57 -22.05
N GLU C 259 3.52 -24.64 -23.22
CA GLU C 259 4.37 -23.55 -23.64
C GLU C 259 3.63 -22.61 -24.57
N PRO C 260 4.04 -21.34 -24.63
CA PRO C 260 3.37 -20.38 -25.52
C PRO C 260 3.55 -20.76 -26.98
N ILE C 261 2.66 -20.24 -27.82
CA ILE C 261 2.76 -20.42 -29.27
C ILE C 261 3.29 -19.20 -29.99
N LEU C 262 3.42 -18.08 -29.29
CA LEU C 262 4.00 -16.87 -29.83
C LEU C 262 4.48 -16.04 -28.64
N GLU C 263 5.60 -15.37 -28.80
CA GLU C 263 6.11 -14.53 -27.73
C GLU C 263 6.99 -13.46 -28.35
N PRO C 264 7.24 -12.36 -27.63
CA PRO C 264 8.05 -11.28 -28.23
C PRO C 264 9.44 -11.79 -28.57
N GLU C 265 9.83 -11.60 -29.84
CA GLU C 265 11.11 -12.05 -30.38
C GLU C 265 11.76 -10.95 -31.21
N LEU C 266 11.01 -10.36 -32.13
CA LEU C 266 11.55 -9.34 -33.00
C LEU C 266 11.63 -7.99 -32.28
N ASP C 267 12.49 -7.11 -32.78
CA ASP C 267 12.72 -5.83 -32.12
C ASP C 267 11.43 -5.02 -32.04
N TRP C 268 10.60 -5.06 -33.08
CA TRP C 268 9.35 -4.31 -33.03
C TRP C 268 8.26 -5.04 -32.22
N GLU C 269 8.57 -6.21 -31.67
CA GLU C 269 7.71 -6.84 -30.67
C GLU C 269 8.24 -6.65 -29.26
N ILE C 270 9.55 -6.56 -29.12
CA ILE C 270 10.17 -6.37 -27.81
C ILE C 270 10.13 -4.89 -27.43
N ASN C 271 10.53 -4.02 -28.34
CA ASN C 271 10.54 -2.58 -28.11
C ASN C 271 9.30 -1.93 -28.68
N GLY C 272 8.81 -0.90 -28.01
CA GLY C 272 7.66 -0.16 -28.49
C GLY C 272 6.98 0.57 -27.35
N LEU C 273 5.78 1.09 -27.66
CA LEU C 273 5.02 1.86 -26.69
C LEU C 273 4.74 1.06 -25.43
N VAL C 274 4.44 -0.23 -25.56
CA VAL C 274 4.38 -1.11 -24.40
C VAL C 274 5.33 -2.27 -24.67
N PRO C 275 6.54 -2.26 -24.10
CA PRO C 275 7.52 -3.30 -24.46
C PRO C 275 7.06 -4.71 -24.10
N ASN C 276 7.54 -5.69 -24.88
CA ASN C 276 7.39 -7.11 -24.56
C ASN C 276 5.92 -7.57 -24.65
N VAL C 277 5.28 -7.30 -25.79
CA VAL C 277 3.87 -7.67 -25.98
C VAL C 277 3.68 -8.27 -27.36
N VAL C 278 3.08 -9.46 -27.42
CA VAL C 278 2.33 -9.92 -28.58
C VAL C 278 0.91 -10.21 -28.11
N PHE C 279 -0.08 -9.75 -28.89
CA PHE C 279 -1.47 -9.79 -28.43
C PHE C 279 -2.37 -9.97 -29.64
N SER C 280 -3.19 -11.03 -29.64
CA SER C 280 -4.11 -11.29 -30.74
C SER C 280 -5.56 -11.06 -30.31
N CYS C 281 -6.29 -10.34 -31.14
CA CYS C 281 -7.74 -10.12 -31.03
C CYS C 281 -8.52 -10.81 -32.13
N GLY C 282 -7.84 -11.59 -32.98
CA GLY C 282 -8.44 -12.10 -34.17
C GLY C 282 -7.56 -13.10 -34.90
N ALA C 283 -8.15 -14.21 -35.27
CA ALA C 283 -7.48 -15.21 -36.07
C ALA C 283 -8.53 -15.88 -36.95
N VAL C 284 -8.09 -16.29 -38.12
CA VAL C 284 -9.02 -16.74 -39.13
C VAL C 284 -8.44 -17.97 -39.82
N GLU C 285 -9.33 -18.87 -40.24
CA GLU C 285 -8.93 -20.08 -40.97
C GLU C 285 -9.10 -19.84 -42.47
N VAL C 286 -8.00 -19.97 -43.21
CA VAL C 286 -7.99 -19.82 -44.66
C VAL C 286 -7.12 -20.91 -45.23
N ASN C 287 -7.65 -21.63 -46.23
CA ASN C 287 -6.96 -22.73 -46.90
C ASN C 287 -6.18 -23.60 -45.92
N ASP C 288 -6.89 -24.07 -44.90
CA ASP C 288 -6.40 -24.99 -43.87
C ASP C 288 -5.19 -24.43 -43.10
N MET C 289 -5.03 -23.11 -43.09
CA MET C 289 -4.11 -22.42 -42.18
C MET C 289 -4.87 -21.49 -41.25
N TYR C 290 -4.38 -21.37 -40.02
CA TYR C 290 -4.80 -20.32 -39.12
C TYR C 290 -3.90 -19.10 -39.30
N TYR C 291 -4.49 -17.98 -39.72
CA TYR C 291 -3.81 -16.69 -39.76
C TYR C 291 -4.10 -15.98 -38.45
N VAL C 292 -3.06 -15.76 -37.65
CA VAL C 292 -3.20 -15.11 -36.35
C VAL C 292 -2.60 -13.71 -36.44
N TYR C 293 -3.45 -12.70 -36.42
CA TYR C 293 -2.99 -11.32 -36.43
C TYR C 293 -2.73 -10.88 -35.00
N TYR C 294 -1.63 -10.13 -34.79
CA TYR C 294 -1.26 -9.78 -33.44
C TYR C 294 -0.69 -8.38 -33.35
N GLY C 295 -1.12 -7.66 -32.32
CA GLY C 295 -0.44 -6.44 -31.95
C GLY C 295 0.94 -6.75 -31.44
N ALA C 296 1.88 -5.84 -31.70
CA ALA C 296 3.27 -6.02 -31.30
C ALA C 296 3.70 -4.80 -30.52
N ALA C 297 4.03 -5.01 -29.24
CA ALA C 297 4.43 -3.90 -28.36
C ALA C 297 3.39 -2.78 -28.35
N ASP C 298 2.12 -3.13 -28.54
CA ASP C 298 1.02 -2.16 -28.58
C ASP C 298 1.31 -1.01 -29.57
N THR C 299 2.08 -1.30 -30.62
CA THR C 299 2.56 -0.29 -31.58
C THR C 299 2.31 -0.69 -33.03
N HIS C 300 2.52 -1.96 -33.39
CA HIS C 300 2.38 -2.42 -34.78
C HIS C 300 1.52 -3.68 -34.80
N ILE C 301 1.18 -4.12 -36.00
CA ILE C 301 0.48 -5.39 -36.20
C ILE C 301 1.35 -6.30 -37.03
N GLY C 302 1.49 -7.55 -36.58
CA GLY C 302 2.08 -8.60 -37.38
C GLY C 302 1.06 -9.71 -37.63
N VAL C 303 1.49 -10.70 -38.39
CA VAL C 303 0.68 -11.89 -38.64
C VAL C 303 1.58 -13.11 -38.52
N ALA C 304 1.06 -14.15 -37.88
CA ALA C 304 1.72 -15.44 -37.80
C ALA C 304 0.72 -16.50 -38.22
N VAL C 305 1.24 -17.67 -38.63
CA VAL C 305 0.38 -18.74 -39.13
C VAL C 305 0.74 -20.07 -38.48
N ILE C 306 -0.19 -21.00 -38.57
CA ILE C 306 0.11 -22.41 -38.35
C ILE C 306 -0.85 -23.22 -39.20
N GLU C 307 -0.30 -24.25 -39.85
CA GLU C 307 -1.11 -25.24 -40.56
C GLU C 307 -2.11 -25.89 -39.62
N LYS C 308 -3.35 -26.01 -40.08
CA LYS C 308 -4.43 -26.59 -39.27
C LYS C 308 -4.08 -27.98 -38.74
N GLU C 309 -3.32 -28.76 -39.52
CA GLU C 309 -2.97 -30.13 -39.16
C GLU C 309 -1.91 -30.20 -38.06
N LYS C 310 -1.19 -29.11 -37.79
CA LYS C 310 -0.15 -29.12 -36.77
C LYS C 310 -0.71 -28.86 -35.38
N VAL C 311 -2.00 -28.53 -35.26
CA VAL C 311 -2.65 -28.28 -33.98
C VAL C 311 -2.95 -29.62 -33.32
N LYS C 312 -2.02 -30.08 -32.48
CA LYS C 312 -2.11 -31.35 -31.79
C LYS C 312 -1.70 -31.15 -30.34
N PHE C 313 -2.47 -31.73 -29.42
CA PHE C 313 -2.18 -31.57 -28.01
C PHE C 313 -1.69 -32.88 -27.38
N PHE D 13 15.06 10.61 36.96
CA PHE D 13 13.90 10.90 37.82
C PHE D 13 12.55 10.58 37.12
N ARG D 14 11.48 10.59 37.91
CA ARG D 14 10.19 10.09 37.44
C ARG D 14 9.08 10.79 38.23
N LEU D 15 7.87 10.77 37.67
CA LEU D 15 6.75 11.33 38.39
C LEU D 15 6.19 10.30 39.37
N THR D 16 5.48 10.78 40.38
CA THR D 16 4.84 9.92 41.36
C THR D 16 3.35 10.24 41.38
N ARG D 17 2.53 9.24 41.09
CA ARG D 17 1.09 9.46 41.12
C ARG D 17 0.63 9.81 42.53
N LEU D 18 -0.41 10.64 42.62
CA LEU D 18 -0.98 11.01 43.91
C LEU D 18 -2.08 10.06 44.32
N SER D 19 -2.74 9.39 43.38
CA SER D 19 -3.79 8.43 43.64
C SER D 19 -3.59 7.22 42.75
N ASN D 20 -3.88 6.04 43.27
CA ASN D 20 -3.88 4.85 42.43
C ASN D 20 -5.23 4.63 41.74
N LYS D 21 -6.15 5.59 41.87
CA LYS D 21 -7.46 5.72 41.25
C LYS D 21 -7.50 6.98 40.40
N PRO D 22 -8.30 7.02 39.34
CA PRO D 22 -8.50 8.28 38.62
C PRO D 22 -9.03 9.35 39.54
N ILE D 23 -8.67 10.61 39.25
CA ILE D 23 -9.25 11.76 39.94
C ILE D 23 -10.43 12.33 39.17
N LEU D 24 -10.60 11.97 37.91
CA LEU D 24 -11.78 12.31 37.15
C LEU D 24 -12.10 11.12 36.26
N SER D 25 -13.38 10.84 36.10
CA SER D 25 -13.80 9.72 35.29
C SER D 25 -15.03 10.12 34.48
N PRO D 26 -15.36 9.37 33.43
CA PRO D 26 -16.56 9.70 32.66
C PRO D 26 -17.82 9.60 33.51
N ILE D 27 -18.84 10.33 33.08
CA ILE D 27 -20.16 10.34 33.72
C ILE D 27 -21.15 9.93 32.63
N LYS D 28 -21.67 8.71 32.72
CA LYS D 28 -22.53 8.18 31.66
C LYS D 28 -23.86 8.94 31.57
N GLU D 29 -24.23 9.67 32.63
CA GLU D 29 -25.43 10.51 32.61
C GLU D 29 -25.26 11.70 31.68
N HIS D 30 -24.04 12.17 31.46
CA HIS D 30 -23.78 13.32 30.59
C HIS D 30 -23.30 12.83 29.24
N GLU D 31 -24.11 13.03 28.20
CA GLU D 31 -23.77 12.51 26.88
C GLU D 31 -22.38 12.98 26.44
N TRP D 32 -22.05 14.25 26.68
CA TRP D 32 -20.82 14.81 26.15
C TRP D 32 -19.57 14.26 26.85
N GLU D 33 -19.68 13.74 28.08
CA GLU D 33 -18.57 13.06 28.73
C GLU D 33 -18.95 11.62 29.09
N LYS D 34 -19.76 10.99 28.23
CA LYS D 34 -20.35 9.71 28.53
C LYS D 34 -19.29 8.60 28.62
N GLU D 35 -18.30 8.63 27.72
CA GLU D 35 -17.34 7.54 27.61
C GLU D 35 -15.94 7.89 28.09
N ALA D 36 -15.51 9.14 28.03
CA ALA D 36 -14.11 9.41 28.34
C ALA D 36 -13.93 10.84 28.83
N VAL D 37 -12.98 11.00 29.74
CA VAL D 37 -12.44 12.30 30.11
C VAL D 37 -10.94 12.12 30.26
N PHE D 38 -10.16 12.95 29.58
CA PHE D 38 -8.72 12.76 29.52
C PHE D 38 -8.07 14.02 28.99
N ASN D 39 -6.76 13.93 28.73
CA ASN D 39 -5.92 14.94 28.10
C ASN D 39 -6.37 16.35 28.47
N ALA D 40 -6.02 16.79 29.67
CA ALA D 40 -6.58 17.99 30.26
C ALA D 40 -5.52 19.07 30.38
N ALA D 41 -5.87 20.29 29.96
CA ALA D 41 -5.06 21.47 30.25
C ALA D 41 -5.33 21.95 31.67
N VAL D 42 -4.33 22.59 32.27
CA VAL D 42 -4.46 23.09 33.62
C VAL D 42 -3.66 24.38 33.73
N ILE D 43 -4.20 25.35 34.46
CA ILE D 43 -3.39 26.43 35.00
C ILE D 43 -3.80 26.66 36.44
N TYR D 44 -2.86 27.21 37.22
CA TYR D 44 -3.06 27.51 38.62
C TYR D 44 -3.24 29.02 38.76
N GLU D 45 -4.44 29.44 39.18
CA GLU D 45 -4.74 30.86 39.36
C GLU D 45 -5.77 31.01 40.47
N GLY D 46 -5.62 32.06 41.27
CA GLY D 46 -6.47 32.25 42.43
C GLY D 46 -6.30 31.16 43.47
N ASN D 47 -5.09 30.59 43.58
CA ASN D 47 -4.83 29.46 44.46
C ASN D 47 -5.82 28.32 44.21
N LYS D 48 -6.19 28.14 42.94
CA LYS D 48 -7.08 27.07 42.50
C LYS D 48 -6.52 26.40 41.25
N PHE D 49 -6.67 25.07 41.20
CA PHE D 49 -6.36 24.32 39.98
C PHE D 49 -7.55 24.41 39.04
N HIS D 50 -7.35 25.01 37.86
CA HIS D 50 -8.38 25.10 36.84
C HIS D 50 -8.05 24.10 35.73
N LEU D 51 -8.86 23.05 35.62
CA LEU D 51 -8.64 21.95 34.72
C LEU D 51 -9.62 22.02 33.56
N PHE D 52 -9.11 21.91 32.34
CA PHE D 52 -9.93 21.93 31.14
C PHE D 52 -9.68 20.62 30.40
N TYR D 53 -10.66 19.72 30.43
CA TYR D 53 -10.42 18.34 30.04
C TYR D 53 -11.17 17.98 28.76
N ARG D 54 -10.51 17.16 27.95
CA ARG D 54 -11.18 16.56 26.80
C ARG D 54 -12.17 15.52 27.30
N ALA D 55 -13.32 15.44 26.63
CA ALA D 55 -14.35 14.50 26.98
C ALA D 55 -15.01 13.99 25.71
N SER D 56 -15.29 12.70 25.66
CA SER D 56 -15.88 12.08 24.49
C SER D 56 -17.22 11.43 24.84
N ASN D 57 -18.16 11.53 23.89
CA ASN D 57 -19.44 10.85 23.96
C ASN D 57 -19.38 9.41 23.48
N ASN D 58 -18.21 8.93 23.03
CA ASN D 58 -18.15 7.64 22.37
C ASN D 58 -16.74 7.06 22.48
N LYS D 59 -16.66 5.74 22.31
CA LYS D 59 -15.40 5.03 22.11
C LYS D 59 -14.69 5.55 20.84
N PHE D 60 -13.44 5.12 20.66
CA PHE D 60 -12.57 5.65 19.60
C PHE D 60 -12.20 4.57 18.58
N VAL D 61 -13.08 4.31 17.62
CA VAL D 61 -12.72 3.47 16.49
C VAL D 61 -11.73 4.26 15.63
N LEU D 62 -10.49 3.78 15.54
CA LEU D 62 -9.44 4.46 14.79
C LEU D 62 -8.93 3.68 13.59
N ASN D 63 -9.39 2.45 13.39
CA ASN D 63 -8.75 1.56 12.44
C ASN D 63 -9.45 1.51 11.10
N THR D 64 -10.42 2.39 10.87
CA THR D 64 -11.09 2.44 9.57
C THR D 64 -10.26 3.27 8.60
N GLU D 65 -10.49 3.02 7.31
CA GLU D 65 -9.74 3.71 6.27
C GLU D 65 -9.97 5.22 6.34
N LYS D 66 -11.17 5.62 6.68
CA LYS D 66 -11.48 7.02 6.96
C LYS D 66 -12.41 7.04 8.17
N PRO D 67 -12.52 8.19 8.84
CA PRO D 67 -13.46 8.28 9.96
C PRO D 67 -14.89 8.09 9.47
N GLU D 68 -15.64 7.22 10.16
CA GLU D 68 -16.98 6.82 9.72
C GLU D 68 -18.06 7.44 10.59
N GLU D 69 -19.11 7.94 9.93
CA GLU D 69 -20.23 8.53 10.66
C GLU D 69 -20.80 7.55 11.67
N LYS D 70 -20.92 6.28 11.28
CA LYS D 70 -21.47 5.29 12.19
C LYS D 70 -20.62 5.13 13.44
N TYR D 71 -19.33 5.44 13.35
CA TYR D 71 -18.41 5.35 14.48
C TYR D 71 -17.94 6.72 14.95
N LYS D 72 -18.73 7.76 14.71
CA LYS D 72 -18.34 9.12 15.05
C LYS D 72 -18.22 9.27 16.56
N PHE D 73 -17.15 9.93 16.99
CA PHE D 73 -17.02 10.38 18.36
C PHE D 73 -16.85 11.89 18.34
N VAL D 74 -17.31 12.53 19.41
CA VAL D 74 -17.33 13.98 19.51
C VAL D 74 -16.63 14.35 20.81
N SER D 75 -15.53 15.08 20.70
CA SER D 75 -14.84 15.59 21.86
C SER D 75 -15.39 16.96 22.26
N SER D 76 -15.54 17.15 23.57
CA SER D 76 -15.86 18.45 24.14
C SER D 76 -14.81 18.77 25.17
N ILE D 77 -14.73 20.03 25.56
CA ILE D 77 -13.83 20.42 26.64
C ILE D 77 -14.68 20.83 27.84
N GLY D 78 -14.43 20.16 28.98
CA GLY D 78 -15.11 20.45 30.22
C GLY D 78 -14.18 21.16 31.20
N TYR D 79 -14.81 21.74 32.23
CA TYR D 79 -14.11 22.51 33.24
C TYR D 79 -14.26 21.85 34.61
N ALA D 80 -13.20 21.94 35.41
CA ALA D 80 -13.25 21.42 36.77
C ALA D 80 -12.26 22.20 37.62
N VAL D 81 -12.61 22.37 38.90
CA VAL D 81 -11.80 23.18 39.80
C VAL D 81 -11.45 22.37 41.04
N SER D 82 -10.26 22.64 41.59
CA SER D 82 -9.82 21.99 42.81
C SER D 82 -8.95 22.96 43.59
N GLU D 83 -8.85 22.72 44.91
CA GLU D 83 -7.91 23.45 45.76
C GLU D 83 -6.71 22.61 46.18
N ASP D 84 -6.89 21.29 46.33
CA ASP D 84 -5.80 20.40 46.65
C ASP D 84 -5.17 19.76 45.42
N GLY D 85 -5.74 19.95 44.24
CA GLY D 85 -5.24 19.32 43.03
C GLY D 85 -5.67 17.89 42.82
N ILE D 86 -6.50 17.34 43.71
CA ILE D 86 -6.90 15.94 43.69
C ILE D 86 -8.41 15.78 43.60
N ASN D 87 -9.14 16.49 44.46
CA ASN D 87 -10.58 16.46 44.46
C ASN D 87 -11.08 17.65 43.66
N PHE D 88 -11.88 17.39 42.63
CA PHE D 88 -12.33 18.42 41.68
C PHE D 88 -13.85 18.52 41.67
N GLU D 89 -14.36 19.74 41.55
CA GLU D 89 -15.77 19.97 41.32
C GLU D 89 -16.01 20.10 39.81
N ARG D 90 -17.12 19.55 39.34
CA ARG D 90 -17.39 19.45 37.91
C ARG D 90 -18.77 20.02 37.59
N PHE D 91 -19.10 20.10 36.30
CA PHE D 91 -20.27 20.85 35.89
C PHE D 91 -21.09 20.09 34.87
N ASP D 92 -22.36 20.50 34.75
CA ASP D 92 -23.33 19.76 33.95
C ASP D 92 -22.95 19.71 32.48
N LYS D 93 -22.34 20.78 31.98
CA LYS D 93 -22.16 21.04 30.55
C LYS D 93 -20.73 21.41 30.24
N PRO D 94 -20.27 21.16 29.01
CA PRO D 94 -18.92 21.55 28.62
C PRO D 94 -18.80 23.06 28.42
N VAL D 95 -17.56 23.53 28.53
CA VAL D 95 -17.27 24.95 28.28
C VAL D 95 -16.96 25.23 26.81
N LEU D 96 -16.37 24.26 26.09
CA LEU D 96 -16.12 24.45 24.66
C LEU D 96 -16.56 23.22 23.90
N VAL D 97 -17.20 23.46 22.76
CA VAL D 97 -17.59 22.42 21.81
C VAL D 97 -17.25 22.90 20.41
N GLY D 98 -17.24 21.97 19.47
CA GLY D 98 -17.07 22.31 18.08
C GLY D 98 -18.28 23.08 17.56
N GLU D 99 -18.05 24.28 17.05
CA GLU D 99 -19.12 25.10 16.49
C GLU D 99 -19.28 24.95 14.98
N ILE D 100 -18.17 24.74 14.28
CA ILE D 100 -18.11 24.83 12.82
C ILE D 100 -17.77 23.47 12.23
N PRO D 101 -17.95 23.27 10.92
CA PRO D 101 -17.71 21.93 10.35
C PRO D 101 -16.28 21.40 10.48
N GLN D 102 -15.27 22.28 10.52
CA GLN D 102 -13.92 21.80 10.80
C GLN D 102 -13.79 21.20 12.18
N GLU D 103 -14.75 21.45 13.08
CA GLU D 103 -14.75 20.83 14.40
C GLU D 103 -15.94 19.88 14.57
N ALA D 104 -16.39 19.28 13.47
CA ALA D 104 -17.57 18.42 13.54
C ALA D 104 -17.37 17.29 14.53
N TRP D 105 -16.17 16.72 14.61
CA TRP D 105 -15.92 15.70 15.61
C TRP D 105 -15.32 16.25 16.90
N GLY D 106 -15.30 17.56 17.07
CA GLY D 106 -15.02 18.16 18.37
C GLY D 106 -13.65 18.80 18.49
N VAL D 107 -13.28 19.07 19.73
CA VAL D 107 -12.10 19.85 20.06
C VAL D 107 -11.30 19.06 21.09
N GLU D 108 -10.00 18.88 20.83
CA GLU D 108 -9.20 17.87 21.52
C GLU D 108 -7.95 18.46 22.16
N ASP D 109 -7.51 17.83 23.25
CA ASP D 109 -6.17 17.99 23.80
C ASP D 109 -5.74 19.45 24.01
N PRO D 110 -6.48 20.21 24.82
CA PRO D 110 -6.17 21.63 24.96
C PRO D 110 -4.87 21.86 25.73
N ARG D 111 -4.16 22.90 25.33
CA ARG D 111 -3.04 23.45 26.09
C ARG D 111 -3.31 24.94 26.26
N ILE D 112 -3.27 25.41 27.50
CA ILE D 112 -3.58 26.79 27.84
C ILE D 112 -2.31 27.46 28.30
N THR D 113 -2.05 28.65 27.78
CA THR D 113 -0.88 29.44 28.16
C THR D 113 -1.35 30.85 28.45
N LYS D 114 -0.81 31.44 29.51
CA LYS D 114 -1.05 32.83 29.85
C LYS D 114 0.12 33.67 29.34
N ILE D 115 -0.17 34.65 28.50
CA ILE D 115 0.82 35.61 28.02
C ILE D 115 0.24 36.99 28.26
N ASP D 116 1.02 37.84 28.93
CA ASP D 116 0.55 39.15 29.39
C ASP D 116 -0.68 38.85 30.26
N ASN D 117 -1.82 39.51 30.05
CA ASN D 117 -2.98 39.30 30.91
C ASN D 117 -4.10 38.53 30.20
N LYS D 118 -3.73 37.66 29.26
CA LYS D 118 -4.69 36.89 28.49
C LYS D 118 -4.33 35.41 28.51
N TYR D 119 -5.35 34.56 28.41
CA TYR D 119 -5.20 33.10 28.39
C TYR D 119 -5.51 32.58 27.00
N TYR D 120 -4.58 31.81 26.43
CA TYR D 120 -4.75 31.24 25.11
C TYR D 120 -4.88 29.74 25.23
N MET D 121 -5.94 29.19 24.64
CA MET D 121 -6.17 27.75 24.60
C MET D 121 -5.97 27.26 23.18
N LEU D 122 -4.96 26.43 22.99
CA LEU D 122 -4.68 25.81 21.71
C LEU D 122 -5.14 24.35 21.79
N TYR D 123 -5.92 23.94 20.80
CA TYR D 123 -6.50 22.61 20.84
C TYR D 123 -6.57 22.09 19.41
N THR D 124 -6.82 20.80 19.27
CA THR D 124 -7.02 20.21 17.96
C THR D 124 -8.50 20.25 17.60
N GLY D 125 -8.84 20.89 16.49
CA GLY D 125 -10.16 20.77 15.91
C GLY D 125 -10.12 19.64 14.91
N PHE D 126 -11.06 18.70 15.05
CA PHE D 126 -11.12 17.49 14.22
C PHE D 126 -12.43 17.49 13.45
N GLY D 127 -12.35 17.50 12.12
CA GLY D 127 -13.55 17.54 11.30
C GLY D 127 -14.14 16.19 10.92
N GLY D 128 -13.36 15.12 11.05
CA GLY D 128 -13.86 13.79 10.75
C GLY D 128 -14.02 13.45 9.29
N ARG D 129 -13.63 14.32 8.37
CA ARG D 129 -13.84 14.02 6.95
C ARG D 129 -12.80 13.04 6.44
N ASP D 130 -11.61 13.02 7.03
CA ASP D 130 -10.58 12.04 6.77
C ASP D 130 -9.63 12.08 7.96
N TRP D 131 -8.67 11.14 7.99
CA TRP D 131 -7.85 11.06 9.20
C TRP D 131 -6.80 12.16 9.30
N LEU D 132 -6.64 12.98 8.26
CA LEU D 132 -5.78 14.16 8.31
C LEU D 132 -6.58 15.44 8.52
N ASP D 133 -7.89 15.34 8.69
CA ASP D 133 -8.77 16.50 8.84
C ASP D 133 -8.75 17.04 10.27
N PHE D 134 -7.56 17.34 10.78
CA PHE D 134 -7.41 17.96 12.10
C PHE D 134 -6.46 19.15 12.01
N ARG D 135 -6.74 20.17 12.83
CA ARG D 135 -6.02 21.43 12.77
C ARG D 135 -5.72 21.93 14.17
N ILE D 136 -4.60 22.62 14.32
CA ILE D 136 -4.38 23.42 15.53
C ILE D 136 -5.30 24.64 15.49
N CYS D 137 -6.14 24.78 16.52
CA CYS D 137 -7.00 25.94 16.67
C CYS D 137 -6.66 26.68 17.96
N MET D 138 -7.15 27.90 18.06
CA MET D 138 -6.87 28.75 19.21
C MET D 138 -8.10 29.59 19.50
N VAL D 139 -8.42 29.68 20.79
CA VAL D 139 -9.30 30.71 21.31
C VAL D 139 -8.57 31.32 22.50
N TRP D 140 -9.09 32.45 22.98
CA TRP D 140 -8.45 33.15 24.07
C TRP D 140 -9.51 33.81 24.94
N SER D 141 -9.14 34.13 26.17
CA SER D 141 -10.06 34.79 27.08
C SER D 141 -9.28 35.72 28.00
N ASP D 142 -10.01 36.67 28.61
CA ASP D 142 -9.47 37.47 29.71
C ASP D 142 -9.56 36.73 31.03
N ASP D 143 -10.55 35.83 31.15
CA ASP D 143 -11.08 35.41 32.43
C ASP D 143 -11.14 33.90 32.61
N LEU D 144 -10.73 33.13 31.61
CA LEU D 144 -10.86 31.67 31.58
C LEU D 144 -12.31 31.21 31.49
N LYS D 145 -13.25 32.12 31.21
CA LYS D 145 -14.67 31.81 31.14
C LYS D 145 -15.27 32.08 29.77
N ASN D 146 -14.88 33.18 29.10
CA ASN D 146 -15.48 33.57 27.83
C ASN D 146 -14.44 33.53 26.71
N TRP D 147 -14.44 32.45 25.95
CA TRP D 147 -13.46 32.23 24.90
C TRP D 147 -13.92 32.85 23.60
N LYS D 148 -13.01 33.53 22.92
CA LYS D 148 -13.32 34.32 21.74
C LYS D 148 -12.28 34.08 20.66
N GLY D 149 -12.52 34.69 19.51
CA GLY D 149 -11.50 34.89 18.50
C GLY D 149 -10.94 33.62 17.91
N HIS D 150 -11.80 32.63 17.68
CA HIS D 150 -11.36 31.34 17.17
C HIS D 150 -10.58 31.47 15.87
N ARG D 151 -9.45 30.77 15.77
CA ARG D 151 -8.70 30.79 14.53
C ARG D 151 -7.98 29.45 14.33
N ILE D 152 -7.84 29.08 13.07
CA ILE D 152 -6.87 28.05 12.67
C ILE D 152 -5.48 28.63 12.81
N VAL D 153 -4.64 27.97 13.61
CA VAL D 153 -3.29 28.46 13.84
C VAL D 153 -2.40 28.17 12.64
N LEU D 154 -2.36 26.91 12.20
CA LEU D 154 -1.68 26.52 10.97
C LEU D 154 -2.66 25.74 10.11
N ASP D 155 -2.71 26.08 8.82
CA ASP D 155 -3.66 25.43 7.91
C ASP D 155 -3.02 24.17 7.32
N GLU D 156 -2.92 23.16 8.17
CA GLU D 156 -2.16 21.97 7.84
C GLU D 156 -2.45 20.92 8.90
N PRO D 157 -2.38 19.64 8.56
CA PRO D 157 -2.59 18.61 9.58
C PRO D 157 -1.50 18.68 10.64
N ASN D 158 -1.87 19.10 11.84
CA ASN D 158 -0.91 19.38 12.88
C ASN D 158 -1.67 19.36 14.20
N LYS D 159 -0.94 19.18 15.30
CA LYS D 159 -1.52 19.03 16.62
C LYS D 159 -0.37 19.16 17.62
N ASP D 160 -0.64 18.77 18.87
CA ASP D 160 0.35 18.86 19.95
C ASP D 160 0.97 20.27 20.00
N ALA D 161 0.09 21.26 20.03
CA ALA D 161 0.47 22.65 19.94
C ALA D 161 0.41 23.30 21.32
N ALA D 162 1.39 24.16 21.60
CA ALA D 162 1.36 24.99 22.79
C ALA D 162 2.10 26.30 22.52
N LEU D 163 1.65 27.36 23.19
CA LEU D 163 2.34 28.64 23.18
C LEU D 163 3.27 28.73 24.39
N LEU D 164 4.45 29.32 24.19
CA LEU D 164 5.31 29.67 25.31
C LEU D 164 4.70 30.81 26.11
N SER D 165 4.89 30.78 27.44
CA SER D 165 4.25 31.76 28.32
C SER D 165 4.90 33.14 28.23
N GLU D 166 5.97 33.28 27.46
CA GLU D 166 6.64 34.55 27.26
C GLU D 166 7.03 34.69 25.81
N LYS D 167 7.22 35.93 25.39
CA LYS D 167 7.79 36.20 24.08
C LYS D 167 9.31 36.12 24.15
N ILE D 168 9.92 35.73 23.04
CA ILE D 168 11.38 35.71 22.91
C ILE D 168 11.75 36.72 21.84
N ASN D 169 12.52 37.74 22.23
CA ASN D 169 12.88 38.82 21.32
C ASN D 169 11.63 39.45 20.72
N GLY D 170 10.58 39.57 21.53
CA GLY D 170 9.32 40.14 21.09
C GLY D 170 8.45 39.24 20.24
N LYS D 171 8.81 37.96 20.08
CA LYS D 171 8.06 37.03 19.23
C LYS D 171 7.32 36.03 20.10
N TYR D 172 6.06 35.76 19.73
CA TYR D 172 5.36 34.60 20.27
C TYR D 172 6.02 33.32 19.77
N VAL D 173 6.05 32.31 20.62
CA VAL D 173 6.73 31.06 20.35
C VAL D 173 5.69 29.94 20.34
N LEU D 174 5.63 29.19 19.24
CA LEU D 174 4.70 28.08 19.09
C LEU D 174 5.47 26.77 18.98
N PHE D 175 5.08 25.80 19.79
CA PHE D 175 5.52 24.41 19.64
C PHE D 175 4.43 23.64 18.92
N HIS D 176 4.81 22.86 17.91
CA HIS D 176 3.83 22.06 17.20
C HIS D 176 4.49 20.74 16.81
N ARG D 177 3.83 19.99 15.93
CA ARG D 177 4.28 18.63 15.63
C ARG D 177 3.86 18.29 14.20
N ARG D 178 4.59 18.85 13.25
CA ARG D 178 4.65 18.18 11.96
C ARG D 178 5.32 16.82 12.17
N MET D 179 4.64 15.77 11.75
CA MET D 179 5.07 14.42 12.05
C MET D 179 6.50 14.19 11.59
N PRO D 180 7.33 13.52 12.40
CA PRO D 180 7.02 13.04 13.75
C PRO D 180 7.74 13.81 14.87
N ASP D 181 8.13 15.04 14.59
CA ASP D 181 9.06 15.78 15.45
C ASP D 181 8.33 16.86 16.23
N ILE D 182 8.99 17.38 17.27
CA ILE D 182 8.53 18.60 17.93
C ILE D 182 9.14 19.77 17.19
N TRP D 183 8.28 20.66 16.69
CA TRP D 183 8.70 21.86 15.96
C TRP D 183 8.53 23.10 16.82
N ILE D 184 9.25 24.14 16.45
CA ILE D 184 9.08 25.49 16.99
C ILE D 184 8.83 26.45 15.84
N ALA D 185 8.10 27.53 16.12
CA ALA D 185 7.87 28.58 15.13
C ALA D 185 7.65 29.90 15.87
N TYR D 186 7.68 30.98 15.10
CA TYR D 186 7.70 32.32 15.67
C TYR D 186 6.65 33.20 15.00
N SER D 187 6.09 34.12 15.76
CA SER D 187 5.11 35.04 15.19
C SER D 187 5.28 36.44 15.80
N ASP D 188 5.21 37.45 14.93
CA ASP D 188 5.07 38.84 15.40
C ASP D 188 3.69 39.08 16.01
N ASP D 189 2.66 38.38 15.53
CA ASP D 189 1.30 38.83 15.72
C ASP D 189 0.30 37.76 16.14
N LEU D 190 0.74 36.52 16.41
CA LEU D 190 -0.11 35.35 16.70
C LEU D 190 -0.98 34.93 15.52
N VAL D 191 -0.77 35.49 14.34
CA VAL D 191 -1.51 35.14 13.14
C VAL D 191 -0.63 34.38 12.15
N ASN D 192 0.51 34.95 11.82
CA ASN D 192 1.42 34.41 10.82
C ASN D 192 2.64 33.82 11.53
N TRP D 193 2.99 32.58 11.20
CA TRP D 193 4.10 31.90 11.84
C TRP D 193 5.23 31.71 10.83
N TYR D 194 6.46 31.86 11.30
CA TYR D 194 7.62 31.75 10.41
C TYR D 194 8.78 31.10 11.15
N ASN D 195 9.86 30.84 10.41
CA ASN D 195 11.07 30.20 10.92
C ASN D 195 10.71 28.90 11.65
N HIS D 196 9.86 28.09 11.03
CA HIS D 196 9.62 26.75 11.53
C HIS D 196 10.92 25.97 11.53
N LYS D 197 11.19 25.27 12.62
CA LYS D 197 12.30 24.33 12.60
C LYS D 197 12.02 23.16 13.55
N ILE D 198 12.70 22.06 13.29
CA ILE D 198 12.62 20.90 14.17
C ILE D 198 13.54 21.13 15.35
N ILE D 199 13.00 21.04 16.56
CA ILE D 199 13.83 21.17 17.75
C ILE D 199 14.12 19.84 18.45
N MET D 200 13.34 18.79 18.19
CA MET D 200 13.57 17.51 18.84
C MET D 200 12.87 16.41 18.07
N SER D 201 13.47 15.23 18.06
CA SER D 201 13.06 14.15 17.17
C SER D 201 12.93 12.86 17.96
N PRO D 202 12.16 11.89 17.45
CA PRO D 202 12.15 10.56 18.05
C PRO D 202 13.54 9.93 18.05
N LYS D 203 13.72 8.93 18.91
CA LYS D 203 14.93 8.12 18.95
C LYS D 203 14.54 6.70 18.57
N SER D 204 15.10 6.20 17.47
CA SER D 204 14.65 4.93 16.97
C SER D 204 15.14 3.80 17.87
N HIS D 205 14.41 2.69 17.86
CA HIS D 205 14.73 1.55 18.72
C HIS D 205 14.65 1.88 20.21
N THR D 206 13.72 2.76 20.59
CA THR D 206 13.49 3.06 21.98
C THR D 206 11.99 3.23 22.20
N TRP D 207 11.61 3.50 23.46
CA TRP D 207 10.23 3.81 23.78
C TRP D 207 9.70 5.03 23.03
N GLU D 208 10.58 5.88 22.49
CA GLU D 208 10.14 7.09 21.81
C GLU D 208 10.52 7.04 20.34
N SER D 209 10.28 5.92 19.68
CA SER D 209 10.77 5.69 18.33
C SER D 209 9.84 6.23 17.25
N LYS D 210 8.53 6.19 17.44
CA LYS D 210 7.63 6.42 16.32
C LYS D 210 7.32 7.90 16.13
N LYS D 211 7.02 8.59 17.23
CA LYS D 211 6.75 10.01 17.17
C LYS D 211 6.82 10.55 18.58
N ILE D 212 6.99 11.88 18.66
CA ILE D 212 6.99 12.60 19.91
C ILE D 212 6.20 13.88 19.72
N GLY D 213 5.74 14.42 20.83
CA GLY D 213 4.97 15.66 20.82
C GLY D 213 5.07 16.28 22.18
N ILE D 214 5.00 17.61 22.21
CA ILE D 214 5.00 18.32 23.48
C ILE D 214 3.83 17.85 24.33
N ALA D 215 4.02 17.90 25.64
CA ALA D 215 2.94 17.68 26.58
C ALA D 215 2.24 19.00 26.86
N GLY D 216 2.29 19.49 28.09
CA GLY D 216 1.79 20.81 28.39
C GLY D 216 2.75 21.88 27.91
N PRO D 217 2.34 23.14 28.06
CA PRO D 217 3.25 24.24 27.77
C PRO D 217 4.48 24.15 28.66
N PRO D 218 5.65 24.55 28.14
CA PRO D 218 6.87 24.45 28.94
C PRO D 218 6.79 25.34 30.19
N ILE D 219 7.43 24.87 31.26
CA ILE D 219 7.43 25.56 32.55
C ILE D 219 8.77 26.23 32.75
N LYS D 220 8.75 27.54 33.01
CA LYS D 220 9.98 28.29 33.19
C LYS D 220 10.72 27.83 34.44
N ARG D 221 12.01 27.57 34.29
CA ARG D 221 12.91 27.31 35.39
C ARG D 221 14.07 28.29 35.33
N GLU D 222 14.95 28.23 36.33
CA GLU D 222 16.14 29.07 36.31
C GLU D 222 17.21 28.47 35.43
N ASP D 223 17.21 27.15 35.24
CA ASP D 223 18.17 26.49 34.36
C ASP D 223 17.64 26.28 32.94
N GLY D 224 16.44 26.72 32.63
CA GLY D 224 15.88 26.55 31.30
C GLY D 224 14.38 26.36 31.36
N TRP D 225 13.81 25.95 30.23
CA TRP D 225 12.38 25.67 30.15
C TRP D 225 12.17 24.17 30.25
N LEU D 226 11.36 23.74 31.23
CA LEU D 226 11.07 22.32 31.39
C LEU D 226 10.10 21.87 30.30
N LEU D 227 10.52 20.88 29.51
CA LEU D 227 9.76 20.40 28.35
C LEU D 227 9.35 18.97 28.63
N ILE D 228 8.21 18.80 29.29
CA ILE D 228 7.61 17.48 29.34
C ILE D 228 7.06 17.17 27.95
N TYR D 229 7.19 15.92 27.53
CA TYR D 229 6.70 15.54 26.22
C TYR D 229 6.21 14.10 26.31
N HIS D 230 5.47 13.69 25.30
CA HIS D 230 5.10 12.30 25.17
C HIS D 230 5.88 11.67 24.04
N GLY D 231 6.32 10.44 24.25
CA GLY D 231 6.92 9.64 23.21
C GLY D 231 6.03 8.44 22.92
N VAL D 232 6.10 7.96 21.68
CA VAL D 232 5.27 6.85 21.23
C VAL D 232 6.18 5.78 20.68
N ASP D 233 5.98 4.52 21.10
CA ASP D 233 6.87 3.49 20.62
C ASP D 233 6.27 2.83 19.39
N ASN D 234 6.95 1.81 18.89
CA ASN D 234 6.52 1.15 17.65
C ASN D 234 5.16 0.48 17.78
N ASN D 235 4.70 0.21 19.00
CA ASN D 235 3.39 -0.40 19.20
C ASN D 235 2.36 0.59 19.72
N ASN D 236 2.66 1.91 19.64
CA ASN D 236 1.73 3.01 19.92
C ASN D 236 1.49 3.22 21.41
N VAL D 237 2.37 2.70 22.26
CA VAL D 237 2.32 3.05 23.68
C VAL D 237 2.73 4.50 23.85
N TYR D 238 1.88 5.28 24.51
CA TYR D 238 2.20 6.65 24.89
C TYR D 238 2.77 6.68 26.29
N ARG D 239 3.95 7.29 26.41
CA ARG D 239 4.63 7.53 27.68
C ARG D 239 5.11 8.97 27.68
N LEU D 240 5.45 9.46 28.86
CA LEU D 240 5.94 10.83 29.02
C LEU D 240 7.45 10.82 29.22
N GLY D 241 8.13 11.74 28.54
CA GLY D 241 9.53 12.01 28.79
C GLY D 241 9.72 13.46 29.19
N VAL D 242 10.98 13.83 29.49
CA VAL D 242 11.24 15.20 29.91
C VAL D 242 12.54 15.68 29.30
N ALA D 243 12.53 16.93 28.82
CA ALA D 243 13.72 17.57 28.30
C ALA D 243 13.78 19.00 28.83
N LEU D 244 14.93 19.64 28.62
CA LEU D 244 15.19 21.00 29.08
C LEU D 244 15.59 21.87 27.90
N LEU D 245 14.93 23.02 27.77
CA LEU D 245 15.24 23.97 26.71
C LEU D 245 16.10 25.10 27.26
N ASP D 246 17.00 25.61 26.42
CA ASP D 246 17.79 26.78 26.81
C ASP D 246 16.85 27.93 27.19
N LEU D 247 17.21 28.65 28.25
CA LEU D 247 16.31 29.67 28.80
C LEU D 247 16.07 30.80 27.81
N LYS D 248 17.13 31.29 27.16
CA LYS D 248 17.03 32.45 26.26
C LYS D 248 16.66 32.06 24.83
N ASP D 249 16.97 30.83 24.43
CA ASP D 249 16.63 30.33 23.10
C ASP D 249 15.96 28.97 23.28
N PRO D 250 14.63 28.95 23.49
CA PRO D 250 13.93 27.67 23.72
C PRO D 250 13.87 26.77 22.48
N SER D 251 14.44 27.17 21.35
CA SER D 251 14.61 26.24 20.24
C SER D 251 15.73 25.24 20.50
N LYS D 252 16.60 25.50 21.48
CA LYS D 252 17.73 24.63 21.76
C LYS D 252 17.40 23.73 22.94
N VAL D 253 17.43 22.42 22.69
CA VAL D 253 17.32 21.43 23.76
C VAL D 253 18.70 21.30 24.40
N ILE D 254 18.81 21.62 25.70
CA ILE D 254 20.11 21.52 26.36
C ILE D 254 20.24 20.24 27.19
N ALA D 255 19.14 19.54 27.46
CA ALA D 255 19.21 18.25 28.11
C ALA D 255 17.93 17.47 27.78
N ARG D 256 18.04 16.14 27.84
CA ARG D 256 16.90 15.27 27.55
C ARG D 256 17.12 13.95 28.27
N GLN D 257 16.18 13.57 29.13
CA GLN D 257 16.32 12.33 29.88
C GLN D 257 16.10 11.13 28.98
N LYS D 258 16.94 10.12 29.16
CA LYS D 258 16.87 8.90 28.35
C LYS D 258 15.57 8.14 28.57
N GLU D 259 15.16 7.97 29.83
CA GLU D 259 14.02 7.11 30.17
C GLU D 259 12.78 7.94 30.47
N PRO D 260 11.58 7.34 30.37
CA PRO D 260 10.36 8.10 30.66
C PRO D 260 10.27 8.55 32.10
N ILE D 261 9.41 9.54 32.35
CA ILE D 261 9.05 9.95 33.70
C ILE D 261 7.69 9.42 34.10
N LEU D 262 6.95 8.83 33.16
CA LEU D 262 5.64 8.25 33.42
C LEU D 262 5.34 7.31 32.26
N GLU D 263 4.92 6.09 32.58
CA GLU D 263 4.45 5.14 31.58
C GLU D 263 3.22 4.44 32.13
N PRO D 264 2.43 3.81 31.26
CA PRO D 264 1.28 3.05 31.74
C PRO D 264 1.70 1.99 32.74
N GLU D 265 1.10 2.05 33.93
CA GLU D 265 1.42 1.12 35.00
C GLU D 265 0.16 0.61 35.66
N LEU D 266 -0.72 1.51 36.08
CA LEU D 266 -1.96 1.07 36.69
C LEU D 266 -2.91 0.54 35.63
N ASP D 267 -3.90 -0.25 36.09
CA ASP D 267 -4.77 -0.97 35.17
C ASP D 267 -5.63 -0.04 34.33
N TRP D 268 -5.96 1.15 34.84
CA TRP D 268 -6.75 2.11 34.08
C TRP D 268 -5.88 3.04 33.24
N GLU D 269 -4.56 2.81 33.26
CA GLU D 269 -3.63 3.36 32.28
C GLU D 269 -3.30 2.36 31.19
N ILE D 270 -3.24 1.08 31.54
CA ILE D 270 -2.96 0.05 30.56
C ILE D 270 -4.22 -0.30 29.80
N ASN D 271 -5.32 -0.54 30.51
CA ASN D 271 -6.60 -0.88 29.92
C ASN D 271 -7.48 0.35 29.79
N GLY D 272 -8.27 0.38 28.72
CA GLY D 272 -9.20 1.48 28.50
C GLY D 272 -9.52 1.63 27.03
N LEU D 273 -10.17 2.74 26.71
CA LEU D 273 -10.65 2.98 25.35
C LEU D 273 -9.51 2.95 24.34
N VAL D 274 -8.36 3.55 24.69
CA VAL D 274 -7.14 3.44 23.91
C VAL D 274 -6.04 2.90 24.83
N PRO D 275 -5.79 1.61 24.81
CA PRO D 275 -4.92 1.01 25.83
C PRO D 275 -3.51 1.56 25.80
N ASN D 276 -2.84 1.51 26.94
CA ASN D 276 -1.40 1.78 27.03
C ASN D 276 -1.09 3.25 26.71
N VAL D 277 -1.80 4.15 27.39
CA VAL D 277 -1.63 5.58 27.17
C VAL D 277 -1.57 6.29 28.52
N VAL D 278 -0.50 7.07 28.72
CA VAL D 278 -0.49 8.21 29.63
C VAL D 278 -0.16 9.43 28.78
N PHE D 279 -0.82 10.55 29.05
CA PHE D 279 -0.70 11.71 28.15
C PHE D 279 -1.07 12.99 28.90
N SER D 280 -0.21 13.99 28.83
CA SER D 280 -0.44 15.22 29.57
C SER D 280 -0.57 16.39 28.61
N CYS D 281 -1.63 17.18 28.80
CA CYS D 281 -1.79 18.49 28.17
C CYS D 281 -1.50 19.62 29.12
N GLY D 282 -1.09 19.33 30.34
CA GLY D 282 -1.14 20.34 31.36
C GLY D 282 -0.35 19.96 32.59
N ALA D 283 0.41 20.92 33.10
CA ALA D 283 1.18 20.76 34.32
C ALA D 283 1.46 22.16 34.86
N VAL D 284 1.48 22.28 36.18
CA VAL D 284 1.67 23.58 36.81
C VAL D 284 2.62 23.43 38.00
N GLU D 285 3.38 24.49 38.26
CA GLU D 285 4.21 24.57 39.45
C GLU D 285 3.34 25.07 40.60
N VAL D 286 3.31 24.31 41.69
CA VAL D 286 2.49 24.64 42.84
C VAL D 286 3.25 24.20 44.08
N ASN D 287 3.60 25.15 44.95
CA ASN D 287 4.28 24.87 46.22
C ASN D 287 5.52 24.01 46.02
N ASP D 288 6.39 24.48 45.11
CA ASP D 288 7.68 23.85 44.83
C ASP D 288 7.52 22.42 44.30
N MET D 289 6.41 22.14 43.63
CA MET D 289 6.18 20.85 43.00
C MET D 289 5.53 21.06 41.64
N TYR D 290 5.86 20.18 40.71
CA TYR D 290 5.18 20.14 39.42
C TYR D 290 4.04 19.14 39.52
N TYR D 291 2.81 19.62 39.29
CA TYR D 291 1.63 18.76 39.25
C TYR D 291 1.34 18.42 37.79
N VAL D 292 1.46 17.16 37.41
CA VAL D 292 1.30 16.73 36.02
C VAL D 292 0.00 15.96 35.90
N TYR D 293 -1.01 16.59 35.30
CA TYR D 293 -2.28 15.93 35.03
C TYR D 293 -2.20 15.15 33.73
N TYR D 294 -2.78 13.96 33.72
CA TYR D 294 -2.63 13.13 32.54
C TYR D 294 -3.89 12.35 32.23
N GLY D 295 -4.20 12.27 30.93
CA GLY D 295 -5.13 11.26 30.47
C GLY D 295 -4.52 9.87 30.60
N ALA D 296 -5.39 8.90 30.83
CA ALA D 296 -4.99 7.50 30.98
C ALA D 296 -5.87 6.65 30.08
N ALA D 297 -5.24 5.95 29.14
CA ALA D 297 -5.95 5.11 28.17
C ALA D 297 -7.04 5.89 27.44
N ASP D 298 -6.82 7.20 27.27
CA ASP D 298 -7.80 8.12 26.69
C ASP D 298 -9.17 7.92 27.33
N THR D 299 -9.19 7.59 28.63
CA THR D 299 -10.45 7.27 29.30
C THR D 299 -10.63 7.99 30.63
N HIS D 300 -9.59 8.08 31.46
CA HIS D 300 -9.65 8.71 32.77
C HIS D 300 -8.58 9.81 32.89
N ILE D 301 -8.68 10.62 33.94
CA ILE D 301 -7.65 11.60 34.29
C ILE D 301 -7.03 11.21 35.61
N GLY D 302 -5.70 11.11 35.64
CA GLY D 302 -4.93 10.97 36.85
C GLY D 302 -4.02 12.18 37.04
N VAL D 303 -3.25 12.14 38.12
CA VAL D 303 -2.30 13.22 38.38
C VAL D 303 -1.10 12.63 39.12
N ALA D 304 0.09 13.07 38.70
CA ALA D 304 1.34 12.68 39.33
C ALA D 304 2.19 13.93 39.50
N VAL D 305 3.15 13.86 40.42
CA VAL D 305 3.94 15.02 40.80
C VAL D 305 5.42 14.66 40.83
N ILE D 306 6.24 15.70 40.87
CA ILE D 306 7.67 15.60 41.19
C ILE D 306 8.08 16.85 41.98
N GLU D 307 8.90 16.65 43.02
CA GLU D 307 9.52 17.79 43.68
C GLU D 307 10.45 18.49 42.72
N LYS D 308 10.25 19.79 42.53
CA LYS D 308 11.02 20.51 41.52
C LYS D 308 12.51 20.43 41.77
N GLU D 309 12.93 20.29 43.04
CA GLU D 309 14.34 20.13 43.34
C GLU D 309 14.88 18.80 42.80
N LYS D 310 13.99 17.80 42.62
CA LYS D 310 14.42 16.50 42.15
C LYS D 310 14.63 16.47 40.62
N VAL D 311 14.26 17.53 39.91
CA VAL D 311 14.43 17.59 38.45
C VAL D 311 15.88 17.91 38.16
N LYS D 312 16.67 16.89 37.79
CA LYS D 312 18.09 17.05 37.49
C LYS D 312 18.41 16.21 36.27
N PHE D 313 19.29 16.72 35.41
CA PHE D 313 19.62 16.01 34.18
C PHE D 313 21.05 15.51 34.17
C1 Z2D E . 6.52 14.16 -3.37
C2 Z2D E . 6.22 15.29 -4.37
C3 Z2D E . 7.38 15.52 -5.24
C4 Z2D E . 8.65 15.02 -4.61
C5 Z2D E . 8.70 15.18 -3.09
C6 Z2D E . 9.87 14.38 -2.52
O1 Z2D E . 5.37 13.78 -2.67
O2 Z2D E . 5.99 16.48 -3.63
O3 Z2D E . 7.30 16.87 -5.65
O4 Z2D E . 9.89 15.32 -5.22
O5 Z2D E . 7.53 14.59 -2.43
O6 Z2D E . 9.37 13.59 -1.46
O5 GUP E . 9.94 16.86 -6.90
C1 GUP E . 10.23 16.65 -5.48
C2 GUP E . 11.70 16.93 -5.10
O2 GUP E . 12.49 15.81 -5.45
C3 GUP E . 12.14 18.17 -5.79
O3 GUP E . 13.42 18.50 -5.38
C4 GUP E . 12.16 18.03 -7.25
O4 GUP E . 12.04 19.29 -7.88
C5 GUP E . 11.07 17.10 -7.78
C6 GUP E . 10.58 17.52 -9.15
O6 GUP E . 11.18 16.53 -9.91
C1 Z2D F . -13.78 -6.43 1.40
C2 Z2D F . -15.22 -6.15 1.83
C3 Z2D F . -15.71 -7.11 2.82
C4 Z2D F . -14.93 -8.39 2.78
C5 Z2D F . -14.48 -8.81 1.36
C6 Z2D F . -13.64 -10.10 1.32
O1 Z2D F . -13.38 -5.48 0.47
O2 Z2D F . -16.05 -6.23 0.69
O3 Z2D F . -17.11 -7.16 2.61
O4 Z2D F . -15.32 -9.50 3.60
O5 Z2D F . -13.65 -7.74 0.76
O6 Z2D F . -12.46 -9.89 0.57
O5 GUP F . -17.35 -9.26 4.66
C1 GUP F . -16.65 -9.92 3.56
C2 GUP F . -16.76 -11.46 3.65
O2 GUP F . -15.83 -11.97 4.60
C3 GUP F . -18.15 -11.83 3.95
O3 GUP F . -18.36 -13.19 3.78
C4 GUP F . -18.53 -11.42 5.31
O4 GUP F . -19.92 -11.30 5.45
C5 GUP F . -17.86 -10.11 5.73
C6 GUP F . -18.80 -9.32 6.61
O6 GUP F . -18.11 -9.48 7.81
C1 Z2D G . -2.33 -3.51 -16.07
C2 Z2D G . -3.16 -2.26 -15.85
C3 Z2D G . -4.00 -1.97 -17.03
C4 Z2D G . -3.60 -2.80 -18.20
C5 Z2D G . -2.07 -2.87 -18.40
C6 Z2D G . -1.72 -3.99 -19.37
O1 Z2D G . -1.63 -3.89 -14.92
O2 Z2D G . -2.26 -1.20 -15.78
O3 Z2D G . -3.91 -0.57 -17.20
O4 Z2D G . -4.31 -2.64 -19.41
O5 Z2D G . -1.39 -3.24 -17.16
O6 Z2D G . -1.12 -5.02 -18.63
O5 GUP G . -5.46 -0.70 -19.72
C1 GUP G . -4.19 -1.38 -19.99
C2 GUP G . -3.88 -1.50 -21.48
O2 GUP G . -4.52 -2.65 -21.98
C3 GUP G . -4.33 -0.29 -22.17
O3 GUP G . -3.94 -0.29 -23.51
C4 GUP G . -5.79 -0.13 -22.15
O4 GUP G . -6.11 1.20 -22.43
C5 GUP G . -6.39 -0.61 -20.83
C6 GUP G . -7.64 0.15 -20.42
O6 GUP G . -8.61 -0.78 -20.80
C1 Z2D H . -2.39 7.60 14.72
C2 Z2D H . -3.66 7.95 13.92
C3 Z2D H . -4.40 9.06 14.56
C4 Z2D H . -3.94 9.26 15.98
C5 Z2D H . -3.74 7.93 16.74
C6 Z2D H . -3.18 8.15 18.15
O1 Z2D H . -1.62 6.64 14.06
O2 Z2D H . -4.47 6.80 13.89
O3 Z2D H . -5.78 8.82 14.36
O4 Z2D H . -4.55 10.27 16.73
O5 Z2D H . -2.73 7.12 16.05
O6 Z2D H . -1.87 7.64 18.16
O5 GUP H . -6.50 11.20 16.10
C1 GUP H . -5.91 10.19 16.97
C2 GUP H . -6.20 10.41 18.47
O2 GUP H . -5.32 11.37 19.00
C3 GUP H . -7.61 10.78 18.63
O3 GUP H . -7.97 10.85 19.99
C4 GUP H . -7.88 12.10 18.05
O4 GUP H . -9.26 12.21 17.86
C5 GUP H . -7.08 12.36 16.76
C6 GUP H . -7.87 13.17 15.75
O6 GUP H . -7.33 14.44 15.97
C1 PGE I . 35.25 24.55 -15.28
O1 PGE I . 36.28 25.51 -15.62
C2 PGE I . 35.79 23.14 -15.56
O2 PGE I . 34.70 22.23 -15.69
C3 PGE I . 34.93 21.20 -16.67
C4 PGE I . 34.68 19.80 -16.12
O4 PGE I . 38.23 17.22 -16.09
C6 PGE I . 36.85 16.84 -16.22
C5 PGE I . 35.93 17.85 -15.55
O3 PGE I . 35.87 19.04 -16.32
ZN ZN J . 0.31 -2.75 7.75
ZN ZN K . 13.69 9.01 -4.80
ZN ZN L . 5.36 -1.91 -5.67
ZN ZN M . 15.54 16.37 -20.83
ZN ZN N . 16.09 1.84 12.33
ZN ZN O . 31.86 33.50 -9.10
ZN ZN P . -33.47 -31.84 7.26
ZN ZN Q . -21.80 -10.53 19.03
ZN ZN R . -9.24 -12.48 6.43
ZN ZN S . 4.70 -18.03 -5.51
OH2 1PE T . -16.34 5.66 -41.46
C12 1PE T . -15.05 6.29 -41.57
C22 1PE T . -14.42 6.09 -42.94
OH3 1PE T . -13.77 4.82 -43.07
C13 1PE T . -13.50 3.28 -44.96
C23 1PE T . -14.45 4.06 -44.07
OH4 1PE T . -13.74 1.88 -44.80
C14 1PE T . -15.52 0.38 -44.17
C24 1PE T . -15.08 1.51 -45.11
OH5 1PE T . -15.85 -0.78 -44.92
C15 1PE T . -15.90 -3.18 -45.02
C25 1PE T . -15.91 -1.95 -44.11
OH6 1PE T . -17.18 -3.39 -45.59
C16 1PE T . -18.39 -4.31 -47.51
C26 1PE T . -17.08 -3.70 -46.98
OH7 1PE T . -19.40 -3.30 -47.61
ZN ZN U . -5.98 -9.43 -21.34
ZN ZN V . -19.52 1.43 -24.90
ZN ZN W . -3.44 10.57 -45.19
ZN ZN X . 14.02 -15.24 -28.16
ZN ZN Y . -25.40 15.76 36.21
ZN ZN Z . 1.17 13.59 20.08
ZN ZN AA . -11.21 25.32 14.93
#